data_6UOI
#
_entry.id   6UOI
#
_cell.length_a   65.578
_cell.length_b   85.102
_cell.length_c   240.231
_cell.angle_alpha   90.000
_cell.angle_beta   90.000
_cell.angle_gamma   90.000
#
_symmetry.space_group_name_H-M   'P 21 21 21'
#
loop_
_entity.id
_entity.type
_entity.pdbx_description
1 polymer 'Fumarate hydratase 2'
2 non-polymer 'MALONIC ACID'
3 non-polymer GLYCEROL
4 non-polymer 'FE3-S4 CLUSTER'
5 non-polymer 'FE (III) ION'
6 water water
#
_entity_poly.entity_id   1
_entity_poly.type   'polypeptide(L)'
_entity_poly.pdbx_seq_one_letter_code
;MGSSHHHHHHSSGLVPRGSHMASMTGGQQMGRGSEFMSLCDQCEIGCRRVGIKDIEDASAVNADFHFSAIFQPTDPHHHQ
TEFAKVEGSEKYVEEVEVFGRQALKVNPEALTILAHRAFSDVHHFFRKDHLEGWRRAIEDPEASDNDRYVATTLLKNACI
AAGRVLPSCQDTGTAIVLGKRGELCWTGGEDEKYLSKGIWNAYRYHNLRYSQTAALDMFKECNTGDNLPAQLDLLAVPGS
DYEFLFIAKGGGSANKAYLYQETKALLNPKSLRAFIEEKLKTLGTAACPPYHIALVIGGTSAEMTMKTVKLASCRYYDSL
PTTGDKYGRAFRDPEWEKIVMEVAQKSGIGAQFGGKYFAHQARVIRLPRHGASCPVGLAVSCSADRQILAHINKSGIYIE
QLEQNPAQYLPDIPEVHLSTTSVKVDLKRPIDKVRQQLSQYPVGTRVMLNGTLIVARDIAHAKIKEMMDNGEPLPEYMKT
SPIYYAGPAKTPEGYASGSFGPTTAGRMDSYVDLFQSHGGSYITLAKGNRSKQVTDACKKHGGFYLGSIGGPAAILAKDS
IKQVTCLAFPELGMEAVWKIEVEDFPAFIVVDDKGNDMYSKTLA
;
_entity_poly.pdbx_strand_id   A,B
#
# COMPACT_ATOMS: atom_id res chain seq x y z
N ASN A 62 5.40 30.95 18.07
CA ASN A 62 4.22 30.67 17.25
C ASN A 62 4.25 31.47 15.94
N ALA A 63 5.30 32.29 15.78
CA ALA A 63 5.38 33.16 14.61
C ALA A 63 5.91 32.45 13.38
N ASP A 64 6.84 31.50 13.55
CA ASP A 64 7.42 30.79 12.42
C ASP A 64 6.53 29.67 11.91
N PHE A 65 5.43 29.37 12.60
CA PHE A 65 4.57 28.26 12.18
C PHE A 65 3.80 28.63 10.91
N HIS A 66 3.83 27.76 9.91
CA HIS A 66 3.02 27.95 8.72
C HIS A 66 2.38 26.62 8.36
N PHE A 67 1.05 26.56 8.39
CA PHE A 67 0.34 25.35 8.01
C PHE A 67 0.27 25.26 6.49
N SER A 68 0.58 24.10 5.96
CA SER A 68 0.53 23.87 4.52
C SER A 68 -0.10 22.48 4.32
N ALA A 69 -1.31 22.46 3.78
CA ALA A 69 -1.95 21.20 3.44
C ALA A 69 -1.12 20.49 2.37
N ILE A 70 -1.02 19.16 2.49
CA ILE A 70 -0.21 18.43 1.50
C ILE A 70 -0.82 18.58 0.12
N PHE A 71 -2.15 18.48 0.02
CA PHE A 71 -2.86 18.55 -1.24
C PHE A 71 -3.56 19.90 -1.35
N GLN A 72 -3.18 20.68 -2.37
CA GLN A 72 -3.72 22.01 -2.61
C GLN A 72 -4.24 22.12 -4.04
N PRO A 73 -5.29 21.38 -4.39
CA PRO A 73 -5.86 21.50 -5.74
C PRO A 73 -6.37 22.90 -6.01
N THR A 74 -6.17 23.39 -7.24
CA THR A 74 -6.77 24.66 -7.62
C THR A 74 -8.25 24.53 -7.92
N ASP A 75 -8.75 23.31 -8.10
CA ASP A 75 -10.17 23.06 -8.38
C ASP A 75 -10.71 22.06 -7.38
N PRO A 76 -10.72 22.40 -6.09
CA PRO A 76 -11.05 21.40 -5.05
C PRO A 76 -12.46 20.85 -5.16
N HIS A 77 -13.39 21.61 -5.74
CA HIS A 77 -14.77 21.16 -5.87
C HIS A 77 -15.07 20.64 -7.27
N HIS A 78 -14.03 20.52 -8.12
CA HIS A 78 -14.15 19.92 -9.44
C HIS A 78 -15.15 20.66 -10.31
N HIS A 79 -15.01 22.00 -10.35
CA HIS A 79 -15.81 22.82 -11.24
C HIS A 79 -15.55 22.51 -12.70
N GLN A 80 -14.38 21.96 -13.04
CA GLN A 80 -14.07 21.58 -14.41
C GLN A 80 -14.90 20.38 -14.89
N THR A 81 -15.57 19.69 -13.98
CA THR A 81 -16.38 18.53 -14.33
C THR A 81 -17.82 18.96 -14.55
N GLU A 82 -18.47 18.35 -15.55
CA GLU A 82 -19.87 18.63 -15.80
C GLU A 82 -20.75 17.73 -14.91
N PHE A 83 -21.72 18.35 -14.24
CA PHE A 83 -22.62 17.64 -13.34
C PHE A 83 -24.05 17.79 -13.80
N ALA A 84 -24.88 16.81 -13.47
CA ALA A 84 -26.33 16.88 -13.67
C ALA A 84 -27.04 16.82 -12.33
N LYS A 85 -28.09 17.60 -12.18
CA LYS A 85 -28.88 17.55 -10.95
C LYS A 85 -29.89 16.41 -11.02
N VAL A 86 -29.99 15.64 -9.93
CA VAL A 86 -31.07 14.68 -9.80
C VAL A 86 -32.36 15.46 -9.60
N GLU A 87 -33.32 15.25 -10.49
CA GLU A 87 -34.55 16.05 -10.50
C GLU A 87 -35.30 15.93 -9.17
N GLY A 88 -35.74 17.07 -8.65
CA GLY A 88 -36.49 17.11 -7.41
C GLY A 88 -35.69 16.84 -6.15
N SER A 89 -34.37 16.62 -6.26
CA SER A 89 -33.57 16.21 -5.12
C SER A 89 -33.37 17.32 -4.09
N GLU A 90 -33.78 18.56 -4.38
CA GLU A 90 -33.70 19.58 -3.35
C GLU A 90 -34.64 19.30 -2.18
N LYS A 91 -35.58 18.37 -2.33
CA LYS A 91 -36.46 17.99 -1.24
C LYS A 91 -35.76 17.20 -0.15
N TYR A 92 -34.54 16.71 -0.40
CA TYR A 92 -33.82 15.92 0.59
C TYR A 92 -32.92 16.76 1.49
N VAL A 93 -32.84 18.07 1.27
CA VAL A 93 -31.93 18.92 2.03
C VAL A 93 -32.69 20.12 2.55
N GLU A 94 -32.17 20.70 3.64
CA GLU A 94 -32.74 21.88 4.26
C GLU A 94 -31.63 22.70 4.91
N GLU A 95 -31.56 23.98 4.57
CA GLU A 95 -30.58 24.88 5.17
C GLU A 95 -31.09 25.38 6.52
N VAL A 96 -30.24 25.29 7.54
CA VAL A 96 -30.56 25.80 8.87
C VAL A 96 -29.36 26.60 9.36
N GLU A 97 -29.57 27.29 10.49
CA GLU A 97 -28.51 28.07 11.13
C GLU A 97 -28.49 27.73 12.60
N VAL A 98 -27.33 27.33 13.09
CA VAL A 98 -27.12 26.88 14.47
C VAL A 98 -25.87 27.56 15.00
N PHE A 99 -25.98 28.23 16.14
CA PHE A 99 -24.86 28.95 16.75
C PHE A 99 -24.20 29.88 15.75
N GLY A 100 -25.01 30.55 14.94
CA GLY A 100 -24.54 31.54 13.99
C GLY A 100 -23.91 30.98 12.75
N ARG A 101 -23.91 29.67 12.56
CA ARG A 101 -23.24 29.04 11.43
C ARG A 101 -24.24 28.29 10.56
N GLN A 102 -23.99 28.34 9.26
CA GLN A 102 -24.87 27.69 8.29
C GLN A 102 -24.62 26.19 8.28
N ALA A 103 -25.69 25.42 8.37
CA ALA A 103 -25.62 23.97 8.34
C ALA A 103 -26.62 23.45 7.34
N LEU A 104 -26.46 22.19 6.95
CA LEU A 104 -27.33 21.55 5.97
C LEU A 104 -27.79 20.22 6.55
N LYS A 105 -29.11 20.09 6.74
CA LYS A 105 -29.69 18.80 7.10
C LYS A 105 -29.94 18.00 5.83
N VAL A 106 -29.42 16.77 5.78
CA VAL A 106 -29.56 15.91 4.61
C VAL A 106 -30.29 14.64 5.03
N ASN A 107 -31.47 14.41 4.45
CA ASN A 107 -32.15 13.13 4.58
C ASN A 107 -31.21 12.03 4.09
N PRO A 108 -30.88 11.04 4.93
CA PRO A 108 -29.91 10.00 4.49
C PRO A 108 -30.38 9.21 3.28
N GLU A 109 -31.65 9.12 3.01
N GLU A 109 -31.66 9.10 2.99
CA GLU A 109 -32.12 8.55 1.81
CA GLU A 109 -32.12 8.53 1.76
C GLU A 109 -31.54 9.16 0.54
C GLU A 109 -31.49 9.14 0.53
N ALA A 110 -31.05 10.38 0.62
CA ALA A 110 -30.27 10.95 -0.46
C ALA A 110 -29.01 10.15 -0.76
N LEU A 111 -28.36 9.67 0.26
CA LEU A 111 -27.16 8.87 0.07
C LEU A 111 -27.47 7.58 -0.66
N THR A 112 -28.61 6.97 -0.35
CA THR A 112 -29.05 5.77 -1.06
C THR A 112 -29.33 6.09 -2.52
N ILE A 113 -30.09 7.15 -2.78
CA ILE A 113 -30.41 7.52 -4.16
C ILE A 113 -29.14 7.81 -4.94
N LEU A 114 -28.21 8.57 -4.33
CA LEU A 114 -26.99 8.95 -5.01
C LEU A 114 -26.13 7.73 -5.35
N ALA A 115 -25.91 6.86 -4.36
CA ALA A 115 -25.05 5.70 -4.58
C ALA A 115 -25.66 4.76 -5.61
N HIS A 116 -26.99 4.61 -5.61
N HIS A 116 -26.99 4.62 -5.62
CA HIS A 116 -27.63 3.75 -6.60
CA HIS A 116 -27.66 3.75 -6.58
C HIS A 116 -27.42 4.27 -8.01
C HIS A 116 -27.46 4.26 -8.01
N ARG A 117 -27.63 5.58 -8.22
CA ARG A 117 -27.48 6.11 -9.57
C ARG A 117 -26.01 6.08 -10.01
N ALA A 118 -25.10 6.40 -9.10
CA ALA A 118 -23.68 6.37 -9.43
C ALA A 118 -23.25 4.99 -9.90
N PHE A 119 -23.59 3.96 -9.13
CA PHE A 119 -23.18 2.61 -9.49
C PHE A 119 -24.08 1.95 -10.53
N SER A 120 -25.03 2.71 -11.08
CA SER A 120 -25.71 2.33 -12.32
C SER A 120 -25.10 3.02 -13.52
N ASP A 121 -24.94 4.34 -13.46
CA ASP A 121 -24.40 5.10 -14.58
C ASP A 121 -23.00 4.64 -14.96
N VAL A 122 -22.17 4.34 -13.95
CA VAL A 122 -20.75 4.14 -14.20
C VAL A 122 -20.48 2.86 -14.98
N HIS A 123 -21.42 1.93 -15.02
CA HIS A 123 -21.24 0.67 -15.73
C HIS A 123 -21.68 0.75 -17.18
N HIS A 124 -22.17 1.89 -17.65
CA HIS A 124 -22.65 1.98 -19.02
C HIS A 124 -22.06 3.13 -19.81
N PHE A 125 -21.30 4.03 -19.16
CA PHE A 125 -20.78 5.22 -19.81
C PHE A 125 -19.38 5.49 -19.31
N PHE A 126 -18.64 6.28 -20.08
CA PHE A 126 -17.25 6.60 -19.80
C PHE A 126 -17.04 8.10 -19.88
N ARG A 127 -15.89 8.53 -19.34
CA ARG A 127 -15.46 9.91 -19.45
C ARG A 127 -14.90 10.19 -20.84
N LYS A 128 -14.96 11.46 -21.23
CA LYS A 128 -14.42 11.88 -22.52
C LYS A 128 -12.93 11.58 -22.64
N ASP A 129 -12.15 11.76 -21.57
CA ASP A 129 -10.71 11.56 -21.71
C ASP A 129 -10.35 10.10 -21.91
N HIS A 130 -11.18 9.18 -21.40
CA HIS A 130 -11.00 7.75 -21.68
C HIS A 130 -11.34 7.43 -23.12
N LEU A 131 -12.48 7.92 -23.59
CA LEU A 131 -12.91 7.66 -24.97
C LEU A 131 -11.95 8.29 -25.98
N GLU A 132 -11.43 9.48 -25.67
CA GLU A 132 -10.48 10.15 -26.56
C GLU A 132 -9.22 9.31 -26.75
N GLY A 133 -8.80 8.60 -25.69
CA GLY A 133 -7.63 7.75 -25.82
C GLY A 133 -7.83 6.60 -26.78
N TRP A 134 -9.03 6.01 -26.79
CA TRP A 134 -9.31 4.95 -27.76
C TRP A 134 -9.35 5.50 -29.17
N ARG A 135 -9.91 6.70 -29.36
CA ARG A 135 -9.89 7.32 -30.68
C ARG A 135 -8.46 7.61 -31.13
N ARG A 136 -7.63 8.09 -30.20
CA ARG A 136 -6.23 8.35 -30.53
C ARG A 136 -5.55 7.08 -31.02
N ALA A 137 -5.79 5.96 -30.36
CA ALA A 137 -5.20 4.70 -30.78
C ALA A 137 -5.66 4.29 -32.18
N ILE A 138 -6.88 4.68 -32.57
CA ILE A 138 -7.36 4.33 -33.91
C ILE A 138 -6.78 5.26 -34.96
N GLU A 139 -6.65 6.54 -34.64
CA GLU A 139 -6.27 7.54 -35.64
C GLU A 139 -4.78 7.80 -35.72
N ASP A 140 -4.01 7.39 -34.73
CA ASP A 140 -2.56 7.65 -34.72
C ASP A 140 -1.86 6.79 -35.77
N PRO A 141 -1.15 7.37 -36.74
CA PRO A 141 -0.40 6.54 -37.69
C PRO A 141 0.64 5.66 -37.01
N GLU A 142 1.13 6.07 -35.84
CA GLU A 142 2.11 5.27 -35.12
C GLU A 142 1.49 4.12 -34.34
N ALA A 143 0.16 4.04 -34.25
CA ALA A 143 -0.46 2.89 -33.62
C ALA A 143 -0.28 1.66 -34.50
N SER A 144 -0.08 0.51 -33.86
CA SER A 144 0.00 -0.74 -34.60
C SER A 144 -1.38 -1.15 -35.09
N ASP A 145 -1.40 -2.11 -36.02
CA ASP A 145 -2.67 -2.67 -36.46
C ASP A 145 -3.44 -3.28 -35.29
N ASN A 146 -2.74 -3.97 -34.38
CA ASN A 146 -3.41 -4.54 -33.22
C ASN A 146 -3.91 -3.45 -32.27
N ASP A 147 -3.15 -2.36 -32.13
CA ASP A 147 -3.61 -1.23 -31.33
C ASP A 147 -4.97 -0.75 -31.81
N ARG A 148 -5.10 -0.54 -33.12
CA ARG A 148 -6.36 -0.03 -33.67
C ARG A 148 -7.47 -1.06 -33.53
N TYR A 149 -7.14 -2.34 -33.73
CA TYR A 149 -8.15 -3.39 -33.61
C TYR A 149 -8.69 -3.47 -32.18
N VAL A 150 -7.80 -3.42 -31.18
CA VAL A 150 -8.24 -3.51 -29.79
C VAL A 150 -9.04 -2.27 -29.42
N ALA A 151 -8.56 -1.08 -29.79
CA ALA A 151 -9.27 0.15 -29.46
C ALA A 151 -10.64 0.20 -30.14
N THR A 152 -10.73 -0.24 -31.39
CA THR A 152 -12.02 -0.30 -32.06
C THR A 152 -12.97 -1.24 -31.34
N THR A 153 -12.47 -2.40 -30.91
CA THR A 153 -13.29 -3.35 -30.18
C THR A 153 -13.81 -2.74 -28.87
N LEU A 154 -12.94 -2.06 -28.13
CA LEU A 154 -13.36 -1.48 -26.86
C LEU A 154 -14.38 -0.36 -27.08
N LEU A 155 -14.21 0.44 -28.14
CA LEU A 155 -15.20 1.47 -28.44
C LEU A 155 -16.54 0.87 -28.84
N LYS A 156 -16.52 -0.19 -29.65
CA LYS A 156 -17.77 -0.86 -29.99
C LYS A 156 -18.41 -1.47 -28.75
N ASN A 157 -17.59 -2.00 -27.85
CA ASN A 157 -18.12 -2.51 -26.58
C ASN A 157 -18.82 -1.39 -25.80
N ALA A 158 -18.22 -0.20 -25.77
CA ALA A 158 -18.83 0.90 -25.04
C ALA A 158 -20.16 1.33 -25.68
N CYS A 159 -20.28 1.22 -27.00
CA CYS A 159 -21.56 1.54 -27.64
C CYS A 159 -22.66 0.58 -27.18
N ILE A 160 -22.31 -0.70 -27.01
N ILE A 160 -22.32 -0.68 -26.97
CA ILE A 160 -23.28 -1.66 -26.47
CA ILE A 160 -23.31 -1.64 -26.48
C ILE A 160 -23.62 -1.32 -25.03
C ILE A 160 -23.62 -1.39 -25.02
N ALA A 161 -22.60 -1.07 -24.21
CA ALA A 161 -22.84 -0.76 -22.80
C ALA A 161 -23.72 0.47 -22.64
N ALA A 162 -23.61 1.44 -23.56
CA ALA A 162 -24.44 2.64 -23.51
C ALA A 162 -25.93 2.34 -23.67
N GLY A 163 -26.29 1.13 -24.11
CA GLY A 163 -27.68 0.70 -24.14
C GLY A 163 -28.32 0.49 -22.77
N ARG A 164 -27.53 0.58 -21.70
N ARG A 164 -27.53 0.58 -21.69
CA ARG A 164 -27.99 0.51 -20.31
CA ARG A 164 -27.97 0.51 -20.30
C ARG A 164 -28.55 -0.84 -19.94
C ARG A 164 -28.45 -0.87 -19.87
N VAL A 165 -28.26 -1.90 -20.69
CA VAL A 165 -28.66 -3.25 -20.33
C VAL A 165 -27.45 -4.06 -19.88
N LEU A 166 -26.42 -4.14 -20.73
CA LEU A 166 -25.20 -4.87 -20.41
C LEU A 166 -24.16 -3.93 -19.82
N PRO A 167 -23.52 -4.32 -18.72
CA PRO A 167 -22.41 -3.51 -18.20
C PRO A 167 -21.20 -3.64 -19.13
N SER A 168 -20.33 -2.62 -19.07
N SER A 168 -20.33 -2.62 -19.07
CA SER A 168 -19.20 -2.58 -19.99
CA SER A 168 -19.18 -2.57 -19.96
C SER A 168 -18.21 -3.72 -19.73
C SER A 168 -18.24 -3.73 -19.74
N CYS A 169 -18.13 -4.21 -18.50
CA CYS A 169 -17.27 -5.34 -18.18
C CYS A 169 -18.03 -6.33 -17.28
N GLN A 170 -17.71 -7.62 -17.42
CA GLN A 170 -18.33 -8.60 -16.54
C GLN A 170 -17.87 -8.41 -15.09
N ASP A 171 -16.66 -7.92 -14.89
CA ASP A 171 -16.18 -7.58 -13.56
C ASP A 171 -16.73 -6.22 -13.21
N THR A 172 -17.92 -6.20 -12.60
CA THR A 172 -18.52 -4.94 -12.20
C THR A 172 -17.89 -4.37 -10.93
N GLY A 173 -16.86 -5.02 -10.40
CA GLY A 173 -15.94 -4.36 -9.50
C GLY A 173 -16.32 -4.38 -8.03
N THR A 174 -15.39 -3.86 -7.23
CA THR A 174 -15.64 -3.49 -5.84
C THR A 174 -16.21 -2.09 -5.80
N ALA A 175 -17.25 -1.89 -4.99
CA ALA A 175 -17.84 -0.58 -4.83
C ALA A 175 -17.02 0.22 -3.82
N ILE A 176 -16.44 1.33 -4.26
CA ILE A 176 -15.62 2.18 -3.41
C ILE A 176 -16.27 3.56 -3.35
N VAL A 177 -16.39 4.11 -2.15
CA VAL A 177 -16.91 5.45 -1.94
C VAL A 177 -15.88 6.26 -1.17
N LEU A 178 -15.38 7.33 -1.79
CA LEU A 178 -14.69 8.38 -1.06
C LEU A 178 -15.71 9.48 -0.78
N GLY A 179 -16.00 9.71 0.48
CA GLY A 179 -16.95 10.75 0.88
C GLY A 179 -16.28 11.79 1.74
N LYS A 180 -16.67 13.05 1.56
CA LYS A 180 -16.13 14.16 2.34
C LYS A 180 -17.32 14.90 2.92
N ARG A 181 -17.62 14.63 4.19
CA ARG A 181 -18.78 15.21 4.84
C ARG A 181 -18.36 16.46 5.61
N GLY A 182 -18.99 17.59 5.28
CA GLY A 182 -18.67 18.82 5.98
C GLY A 182 -19.03 18.74 7.45
N GLU A 183 -18.29 19.51 8.24
CA GLU A 183 -18.52 19.62 9.67
C GLU A 183 -19.99 19.88 9.99
N LEU A 184 -20.65 20.70 9.18
CA LEU A 184 -22.02 21.10 9.42
C LEU A 184 -22.99 20.49 8.41
N CYS A 185 -22.61 19.37 7.82
CA CYS A 185 -23.50 18.56 6.99
C CYS A 185 -24.04 17.45 7.88
N TRP A 186 -25.34 17.48 8.19
CA TRP A 186 -25.92 16.57 9.18
C TRP A 186 -26.83 15.58 8.48
N THR A 187 -26.43 14.31 8.50
CA THR A 187 -27.12 13.23 7.83
C THR A 187 -27.90 12.34 8.77
N GLY A 188 -27.75 12.50 10.09
CA GLY A 188 -28.17 11.50 11.04
C GLY A 188 -27.10 10.48 11.39
N GLY A 189 -26.01 10.42 10.61
CA GLY A 189 -24.85 9.65 10.99
C GLY A 189 -24.82 8.22 10.49
N GLU A 190 -25.89 7.71 9.89
CA GLU A 190 -25.91 6.34 9.39
C GLU A 190 -25.49 6.24 7.93
N ASP A 191 -24.49 7.05 7.55
CA ASP A 191 -24.08 7.17 6.15
C ASP A 191 -23.70 5.81 5.55
N GLU A 192 -22.94 5.01 6.29
CA GLU A 192 -22.43 3.76 5.72
C GLU A 192 -23.57 2.81 5.36
N LYS A 193 -24.59 2.75 6.21
CA LYS A 193 -25.75 1.89 5.92
C LYS A 193 -26.52 2.39 4.71
N TYR A 194 -26.78 3.71 4.64
CA TYR A 194 -27.58 4.24 3.55
C TYR A 194 -26.82 4.19 2.23
N LEU A 195 -25.51 4.46 2.25
CA LEU A 195 -24.71 4.29 1.05
C LEU A 195 -24.69 2.82 0.61
N SER A 196 -24.55 1.90 1.57
CA SER A 196 -24.50 0.49 1.23
C SER A 196 -25.82 0.00 0.65
N LYS A 197 -26.95 0.54 1.14
CA LYS A 197 -28.25 0.18 0.57
C LYS A 197 -28.35 0.62 -0.89
N GLY A 198 -27.82 1.80 -1.21
CA GLY A 198 -27.82 2.25 -2.60
C GLY A 198 -26.94 1.39 -3.48
N ILE A 199 -25.76 1.00 -2.98
CA ILE A 199 -24.90 0.08 -3.71
C ILE A 199 -25.60 -1.26 -3.88
N TRP A 200 -26.20 -1.75 -2.79
CA TRP A 200 -26.97 -2.98 -2.85
C TRP A 200 -28.04 -2.93 -3.93
N ASN A 201 -28.77 -1.81 -4.01
CA ASN A 201 -29.81 -1.66 -5.04
C ASN A 201 -29.22 -1.75 -6.44
N ALA A 202 -28.10 -1.07 -6.69
CA ALA A 202 -27.52 -1.05 -8.02
C ALA A 202 -27.13 -2.44 -8.48
N TYR A 203 -26.50 -3.22 -7.60
CA TYR A 203 -26.04 -4.54 -7.99
C TYR A 203 -27.15 -5.59 -7.95
N ARG A 204 -28.18 -5.38 -7.14
CA ARG A 204 -29.27 -6.35 -7.06
C ARG A 204 -30.24 -6.21 -8.23
N TYR A 205 -30.58 -4.99 -8.61
CA TYR A 205 -31.66 -4.74 -9.56
C TYR A 205 -31.16 -4.44 -10.97
N HIS A 206 -29.86 -4.52 -11.22
CA HIS A 206 -29.31 -4.33 -12.54
C HIS A 206 -28.49 -5.58 -12.90
N ASN A 207 -28.08 -5.66 -14.16
CA ASN A 207 -27.43 -6.88 -14.67
C ASN A 207 -25.92 -6.85 -14.39
N LEU A 208 -25.59 -6.65 -13.12
CA LEU A 208 -24.21 -6.60 -12.70
C LEU A 208 -23.80 -7.96 -12.15
N ARG A 209 -22.77 -8.00 -11.31
CA ARG A 209 -22.21 -9.25 -10.81
C ARG A 209 -21.87 -9.11 -9.34
N TYR A 210 -22.05 -10.20 -8.61
CA TYR A 210 -21.68 -10.28 -7.19
C TYR A 210 -20.27 -10.83 -7.10
N SER A 211 -19.30 -9.96 -6.80
CA SER A 211 -17.89 -10.30 -6.89
C SER A 211 -17.18 -10.44 -5.55
N GLN A 212 -17.84 -10.14 -4.43
CA GLN A 212 -17.15 -10.08 -3.16
C GLN A 212 -17.16 -11.45 -2.47
N THR A 213 -16.01 -11.81 -1.90
CA THR A 213 -15.77 -13.13 -1.32
C THR A 213 -15.54 -12.97 0.18
N ALA A 214 -16.46 -13.52 0.98
CA ALA A 214 -16.36 -13.48 2.43
C ALA A 214 -15.51 -14.63 2.94
N ALA A 215 -14.76 -14.37 4.01
CA ALA A 215 -13.96 -15.39 4.68
C ALA A 215 -14.72 -15.90 5.90
N LEU A 216 -15.23 -17.13 5.81
CA LEU A 216 -15.89 -17.74 6.98
C LEU A 216 -14.86 -18.12 8.04
N ASP A 217 -13.71 -18.63 7.61
CA ASP A 217 -12.52 -18.68 8.43
C ASP A 217 -11.37 -18.27 7.53
N MET A 218 -10.13 -18.58 7.93
CA MET A 218 -8.98 -18.13 7.15
C MET A 218 -9.04 -18.63 5.72
N PHE A 219 -9.53 -19.87 5.52
CA PHE A 219 -9.51 -20.50 4.21
C PHE A 219 -10.89 -20.81 3.64
N LYS A 220 -11.91 -20.98 4.48
CA LYS A 220 -13.26 -21.28 3.99
C LYS A 220 -13.92 -19.99 3.52
N GLU A 221 -14.38 -19.97 2.27
CA GLU A 221 -14.92 -18.76 1.65
C GLU A 221 -16.29 -19.02 1.03
N CYS A 222 -17.06 -17.95 0.92
CA CYS A 222 -18.31 -17.97 0.17
C CYS A 222 -18.53 -16.59 -0.44
N ASN A 223 -19.25 -16.55 -1.56
CA ASN A 223 -19.64 -15.28 -2.15
C ASN A 223 -20.71 -14.63 -1.28
N THR A 224 -20.61 -13.31 -1.08
CA THR A 224 -21.61 -12.64 -0.26
C THR A 224 -22.96 -12.53 -0.96
N GLY A 225 -23.01 -12.75 -2.27
CA GLY A 225 -24.27 -12.75 -2.99
C GLY A 225 -24.90 -11.41 -3.25
N ASP A 226 -24.22 -10.30 -2.94
CA ASP A 226 -24.81 -9.00 -3.20
C ASP A 226 -23.77 -7.93 -3.53
N ASN A 227 -22.51 -8.30 -3.74
CA ASN A 227 -21.38 -7.39 -3.97
C ASN A 227 -21.11 -6.47 -2.79
N LEU A 228 -21.63 -6.77 -1.62
CA LEU A 228 -21.18 -6.09 -0.41
C LEU A 228 -20.17 -6.98 0.32
N PRO A 229 -19.32 -6.41 1.21
CA PRO A 229 -19.20 -5.02 1.64
C PRO A 229 -18.51 -4.11 0.64
N ALA A 230 -18.84 -2.82 0.75
CA ALA A 230 -18.17 -1.77 0.01
C ALA A 230 -16.99 -1.24 0.81
N GLN A 231 -16.10 -0.52 0.12
CA GLN A 231 -15.07 0.27 0.80
C GLN A 231 -15.61 1.68 0.96
N LEU A 232 -15.85 2.09 2.20
CA LEU A 232 -16.48 3.37 2.49
C LEU A 232 -15.49 4.22 3.29
N ASP A 233 -14.86 5.17 2.62
CA ASP A 233 -13.87 6.06 3.24
C ASP A 233 -14.53 7.44 3.37
N LEU A 234 -15.10 7.71 4.55
CA LEU A 234 -15.84 8.94 4.79
C LEU A 234 -15.00 9.87 5.66
N LEU A 235 -14.64 11.03 5.11
CA LEU A 235 -13.71 11.96 5.71
C LEU A 235 -14.45 13.17 6.28
N ALA A 236 -13.87 13.74 7.33
CA ALA A 236 -14.39 14.94 7.97
C ALA A 236 -13.67 16.16 7.39
N VAL A 237 -14.43 17.10 6.82
CA VAL A 237 -13.86 18.25 6.12
C VAL A 237 -14.60 19.51 6.54
N PRO A 238 -14.12 20.71 6.20
CA PRO A 238 -14.87 21.93 6.52
C PRO A 238 -16.15 22.04 5.68
N GLY A 239 -17.06 22.87 6.18
CA GLY A 239 -18.24 23.27 5.43
C GLY A 239 -19.49 22.50 5.79
N SER A 240 -20.47 22.58 4.88
CA SER A 240 -21.78 21.98 5.12
C SER A 240 -22.25 21.12 3.95
N ASP A 241 -21.38 20.82 2.99
CA ASP A 241 -21.73 19.98 1.85
C ASP A 241 -21.26 18.55 2.07
N TYR A 242 -21.59 17.69 1.11
CA TYR A 242 -21.14 16.30 1.10
C TYR A 242 -20.65 16.01 -0.32
N GLU A 243 -19.34 15.77 -0.47
CA GLU A 243 -18.73 15.54 -1.77
C GLU A 243 -18.24 14.11 -1.87
N PHE A 244 -18.29 13.56 -3.09
CA PHE A 244 -18.07 12.14 -3.29
C PHE A 244 -17.22 11.87 -4.54
N LEU A 245 -16.43 10.79 -4.45
CA LEU A 245 -15.93 10.11 -5.64
C LEU A 245 -16.33 8.64 -5.51
N PHE A 246 -17.12 8.15 -6.46
CA PHE A 246 -17.51 6.76 -6.50
C PHE A 246 -16.62 6.03 -7.50
N ILE A 247 -16.15 4.84 -7.13
CA ILE A 247 -15.30 4.03 -8.02
C ILE A 247 -15.86 2.61 -8.03
N ALA A 248 -16.07 2.07 -9.24
CA ALA A 248 -16.33 0.64 -9.42
C ALA A 248 -15.03 0.05 -9.92
N LYS A 249 -14.27 -0.56 -9.02
CA LYS A 249 -12.88 -0.93 -9.28
C LYS A 249 -12.80 -2.42 -9.59
N GLY A 250 -12.37 -2.75 -10.81
CA GLY A 250 -12.20 -4.14 -11.16
C GLY A 250 -11.11 -4.79 -10.35
N GLY A 251 -11.26 -6.11 -10.13
CA GLY A 251 -10.25 -6.83 -9.36
C GLY A 251 -8.90 -6.89 -10.05
N GLY A 252 -8.89 -7.02 -11.38
CA GLY A 252 -7.63 -7.14 -12.10
C GLY A 252 -6.82 -5.87 -12.09
N SER A 253 -7.47 -4.72 -12.27
CA SER A 253 -6.73 -3.46 -12.15
C SER A 253 -6.38 -3.16 -10.70
N ALA A 254 -7.22 -3.57 -9.76
CA ALA A 254 -6.86 -3.43 -8.35
C ALA A 254 -5.61 -4.24 -8.02
N ASN A 255 -5.43 -5.41 -8.65
CA ASN A 255 -4.26 -6.24 -8.41
C ASN A 255 -2.99 -5.60 -8.96
N LYS A 256 -3.11 -4.67 -9.90
CA LYS A 256 -1.94 -3.97 -10.44
C LYS A 256 -1.71 -2.66 -9.72
N ALA A 257 -1.88 -2.66 -8.41
CA ALA A 257 -1.48 -1.56 -7.54
C ALA A 257 -0.30 -2.05 -6.73
N TYR A 258 0.87 -1.47 -6.95
CA TYR A 258 2.12 -1.96 -6.41
C TYR A 258 2.75 -0.92 -5.51
N LEU A 259 3.35 -1.39 -4.41
CA LEU A 259 4.09 -0.55 -3.48
C LEU A 259 5.55 -0.98 -3.49
N TYR A 260 6.45 -0.01 -3.66
CA TYR A 260 7.88 -0.25 -3.58
C TYR A 260 8.46 0.58 -2.44
N GLN A 261 9.38 -0.01 -1.69
CA GLN A 261 10.07 0.69 -0.61
C GLN A 261 11.46 1.01 -1.12
N GLU A 262 11.66 2.27 -1.55
CA GLU A 262 12.88 2.70 -2.22
C GLU A 262 13.67 3.64 -1.30
N THR A 263 14.71 4.26 -1.86
CA THR A 263 15.60 5.12 -1.08
C THR A 263 15.97 6.35 -1.88
N LYS A 264 16.70 7.25 -1.21
CA LYS A 264 17.27 8.43 -1.86
C LYS A 264 18.12 8.06 -3.08
N ALA A 265 18.68 6.85 -3.09
CA ALA A 265 19.49 6.42 -4.23
C ALA A 265 18.68 6.36 -5.53
N LEU A 266 17.36 6.26 -5.43
CA LEU A 266 16.49 6.27 -6.60
C LEU A 266 16.31 7.68 -7.18
N LEU A 267 16.50 8.71 -6.37
CA LEU A 267 16.04 10.06 -6.70
C LEU A 267 17.10 10.83 -7.49
N ASN A 268 17.36 10.34 -8.69
CA ASN A 268 18.12 11.06 -9.70
C ASN A 268 17.57 10.64 -11.05
N PRO A 269 17.78 11.46 -12.10
CA PRO A 269 17.12 11.18 -13.39
C PRO A 269 17.43 9.82 -13.97
N LYS A 270 18.70 9.38 -13.93
CA LYS A 270 19.06 8.09 -14.52
C LYS A 270 18.40 6.94 -13.77
N SER A 271 18.48 6.96 -12.43
CA SER A 271 17.92 5.86 -11.66
C SER A 271 16.41 5.82 -11.76
N LEU A 272 15.75 6.98 -11.72
CA LEU A 272 14.29 6.99 -11.78
C LEU A 272 13.79 6.52 -13.14
N ARG A 273 14.45 6.92 -14.22
CA ARG A 273 14.03 6.50 -15.54
C ARG A 273 14.19 4.99 -15.71
N ALA A 274 15.32 4.43 -15.25
CA ALA A 274 15.51 2.99 -15.31
C ALA A 274 14.48 2.26 -14.45
N PHE A 275 14.14 2.82 -13.30
CA PHE A 275 13.10 2.24 -12.44
C PHE A 275 11.76 2.20 -13.16
N ILE A 276 11.39 3.30 -13.82
CA ILE A 276 10.11 3.34 -14.51
C ILE A 276 10.08 2.31 -15.62
N GLU A 277 11.16 2.21 -16.39
CA GLU A 277 11.25 1.22 -17.45
C GLU A 277 11.05 -0.19 -16.91
N GLU A 278 11.70 -0.50 -15.78
CA GLU A 278 11.60 -1.84 -15.22
C GLU A 278 10.20 -2.13 -14.68
N LYS A 279 9.59 -1.18 -13.96
CA LYS A 279 8.33 -1.49 -13.29
C LYS A 279 7.15 -1.50 -14.25
N LEU A 280 7.14 -0.64 -15.26
N LEU A 280 7.14 -0.65 -15.27
CA LEU A 280 6.02 -0.59 -16.20
CA LEU A 280 6.01 -0.61 -16.18
C LEU A 280 5.83 -1.92 -16.91
C LEU A 280 5.81 -1.95 -16.88
N LYS A 281 6.92 -2.63 -17.20
CA LYS A 281 6.82 -3.94 -17.83
C LYS A 281 6.18 -4.97 -16.92
N THR A 282 6.36 -4.85 -15.60
CA THR A 282 5.75 -5.81 -14.69
C THR A 282 4.24 -5.66 -14.61
N LEU A 283 3.70 -4.52 -15.05
CA LEU A 283 2.25 -4.41 -15.18
C LEU A 283 1.72 -5.38 -16.23
N GLY A 284 2.50 -5.63 -17.29
CA GLY A 284 2.08 -6.50 -18.36
C GLY A 284 0.77 -6.04 -18.98
N THR A 285 0.05 -7.01 -19.56
CA THR A 285 -1.26 -6.76 -20.16
C THR A 285 -2.39 -7.34 -19.32
N ALA A 286 -2.12 -7.68 -18.06
CA ALA A 286 -3.09 -8.43 -17.25
C ALA A 286 -4.26 -7.58 -16.77
N ALA A 287 -4.21 -6.26 -16.90
CA ALA A 287 -5.30 -5.40 -16.45
C ALA A 287 -5.89 -4.62 -17.63
N CYS A 288 -5.96 -5.28 -18.80
CA CYS A 288 -6.67 -4.75 -19.98
C CYS A 288 -6.25 -3.33 -20.36
N PRO A 289 -5.01 -3.12 -20.78
CA PRO A 289 -4.62 -1.81 -21.29
C PRO A 289 -5.36 -1.49 -22.58
N PRO A 290 -5.28 -0.24 -23.09
CA PRO A 290 -4.50 0.94 -22.64
C PRO A 290 -4.81 1.39 -21.21
N TYR A 291 -3.76 1.64 -20.45
CA TYR A 291 -3.87 2.06 -19.06
C TYR A 291 -3.86 3.58 -18.92
N HIS A 292 -4.57 4.07 -17.91
CA HIS A 292 -4.21 5.31 -17.23
C HIS A 292 -3.17 4.93 -16.18
N ILE A 293 -1.93 5.36 -16.36
CA ILE A 293 -0.85 4.97 -15.45
C ILE A 293 -0.62 6.08 -14.44
N ALA A 294 -0.65 5.73 -13.16
CA ALA A 294 -0.36 6.66 -12.08
C ALA A 294 0.88 6.20 -11.34
N LEU A 295 1.76 7.15 -11.02
CA LEU A 295 3.00 6.89 -10.31
C LEU A 295 3.13 7.93 -9.20
N VAL A 296 3.35 7.47 -7.97
CA VAL A 296 3.50 8.37 -6.83
C VAL A 296 4.87 8.12 -6.21
N ILE A 297 5.65 9.20 -6.10
N ILE A 297 5.66 9.19 -6.10
CA ILE A 297 7.00 9.15 -5.55
CA ILE A 297 7.01 9.11 -5.55
C ILE A 297 6.99 9.85 -4.20
C ILE A 297 6.99 9.84 -4.21
N GLY A 298 7.22 9.09 -3.13
CA GLY A 298 7.16 9.63 -1.79
C GLY A 298 5.83 9.34 -1.13
N GLY A 299 5.65 9.96 0.03
CA GLY A 299 4.45 9.81 0.83
C GLY A 299 4.80 9.71 2.31
N THR A 300 3.81 9.99 3.15
CA THR A 300 4.02 9.98 4.59
C THR A 300 3.87 8.60 5.21
N SER A 301 3.35 7.63 4.46
CA SER A 301 3.23 6.23 4.85
C SER A 301 2.87 5.44 3.60
N ALA A 302 3.07 4.11 3.70
CA ALA A 302 2.70 3.23 2.59
C ALA A 302 1.23 3.40 2.20
N GLU A 303 0.34 3.40 3.19
CA GLU A 303 -1.08 3.49 2.90
C GLU A 303 -1.45 4.83 2.28
N MET A 304 -0.77 5.89 2.68
CA MET A 304 -1.02 7.21 2.08
C MET A 304 -0.52 7.26 0.64
N THR A 305 0.65 6.68 0.37
CA THR A 305 1.15 6.56 -1.00
C THR A 305 0.18 5.78 -1.87
N MET A 306 -0.34 4.66 -1.37
CA MET A 306 -1.22 3.83 -2.18
C MET A 306 -2.58 4.46 -2.38
N LYS A 307 -3.09 5.19 -1.37
N LYS A 307 -3.09 5.18 -1.36
CA LYS A 307 -4.33 5.93 -1.58
CA LYS A 307 -4.32 5.94 -1.56
C LYS A 307 -4.14 7.01 -2.63
C LYS A 307 -4.14 7.01 -2.62
N THR A 308 -3.00 7.71 -2.58
CA THR A 308 -2.74 8.78 -3.54
C THR A 308 -2.64 8.24 -4.96
N VAL A 309 -1.98 7.10 -5.15
CA VAL A 309 -1.82 6.57 -6.50
C VAL A 309 -3.15 6.08 -7.06
N LYS A 310 -4.03 5.54 -6.21
CA LYS A 310 -5.39 5.23 -6.64
C LYS A 310 -6.11 6.48 -7.11
N LEU A 311 -6.12 7.53 -6.28
CA LEU A 311 -6.85 8.73 -6.64
C LEU A 311 -6.22 9.41 -7.86
N ALA A 312 -4.89 9.37 -7.97
CA ALA A 312 -4.23 9.89 -9.16
C ALA A 312 -4.71 9.18 -10.43
N SER A 313 -4.87 7.86 -10.36
CA SER A 313 -5.31 7.10 -11.53
C SER A 313 -6.74 7.45 -11.95
N CYS A 314 -7.55 7.92 -11.00
CA CYS A 314 -8.90 8.41 -11.27
C CYS A 314 -8.93 9.86 -11.70
N ARG A 315 -7.76 10.48 -11.88
CA ARG A 315 -7.61 11.89 -12.26
C ARG A 315 -8.23 12.82 -11.20
N TYR A 316 -8.29 12.35 -9.96
CA TYR A 316 -8.83 13.14 -8.87
C TYR A 316 -7.92 14.30 -8.49
N TYR A 317 -6.61 14.16 -8.73
CA TYR A 317 -5.62 15.17 -8.34
C TYR A 317 -5.13 15.98 -9.53
N ASP A 318 -5.91 16.07 -10.61
CA ASP A 318 -5.42 16.71 -11.82
C ASP A 318 -5.13 18.20 -11.63
N SER A 319 -5.78 18.86 -10.67
CA SER A 319 -5.60 20.29 -10.50
C SER A 319 -4.57 20.65 -9.42
N LEU A 320 -3.76 19.69 -8.97
CA LEU A 320 -2.68 20.00 -8.04
C LEU A 320 -1.71 21.00 -8.66
N PRO A 321 -0.95 21.72 -7.85
CA PRO A 321 0.14 22.52 -8.40
C PRO A 321 1.16 21.64 -9.09
N THR A 322 2.03 22.27 -9.89
CA THR A 322 3.05 21.54 -10.63
C THR A 322 4.46 21.83 -10.14
N THR A 323 4.61 22.52 -9.02
CA THR A 323 5.90 22.76 -8.40
C THR A 323 5.79 22.50 -6.91
N GLY A 324 6.90 22.08 -6.30
CA GLY A 324 6.95 21.91 -4.86
C GLY A 324 7.33 23.21 -4.15
N ASP A 325 7.39 23.13 -2.82
CA ASP A 325 7.86 24.27 -2.03
C ASP A 325 8.51 23.75 -0.76
N LYS A 326 9.02 24.67 0.04
CA LYS A 326 9.76 24.29 1.24
C LYS A 326 8.85 23.75 2.34
N TYR A 327 7.53 23.80 2.14
CA TYR A 327 6.58 23.21 3.09
C TYR A 327 6.17 21.79 2.73
N GLY A 328 6.65 21.27 1.61
CA GLY A 328 6.42 19.87 1.28
C GLY A 328 5.09 19.57 0.61
N ARG A 329 4.47 20.54 -0.05
CA ARG A 329 3.20 20.27 -0.70
C ARG A 329 3.36 19.27 -1.85
N ALA A 330 2.31 18.48 -2.07
CA ALA A 330 2.26 17.59 -3.21
C ALA A 330 2.22 18.38 -4.51
N PHE A 331 2.78 17.80 -5.58
CA PHE A 331 2.61 18.42 -6.89
C PHE A 331 2.59 17.36 -7.97
N ARG A 332 1.83 17.66 -9.03
CA ARG A 332 1.88 16.89 -10.27
C ARG A 332 3.13 17.28 -11.03
N ASP A 333 3.77 16.30 -11.69
CA ASP A 333 5.01 16.55 -12.42
C ASP A 333 4.80 16.24 -13.90
N PRO A 334 4.39 17.23 -14.70
CA PRO A 334 4.14 16.95 -16.12
C PRO A 334 5.36 16.48 -16.88
N GLU A 335 6.57 16.90 -16.49
CA GLU A 335 7.77 16.43 -17.18
C GLU A 335 7.91 14.92 -17.04
N TRP A 336 7.71 14.39 -15.84
CA TRP A 336 7.84 12.95 -15.66
C TRP A 336 6.61 12.19 -16.11
N GLU A 337 5.45 12.84 -16.21
CA GLU A 337 4.32 12.22 -16.91
C GLU A 337 4.66 11.98 -18.37
N LYS A 338 5.33 12.94 -19.01
CA LYS A 338 5.76 12.75 -20.39
C LYS A 338 6.77 11.61 -20.51
N ILE A 339 7.66 11.50 -19.52
CA ILE A 339 8.65 10.41 -19.54
C ILE A 339 7.97 9.07 -19.36
N VAL A 340 6.98 8.99 -18.46
CA VAL A 340 6.22 7.75 -18.29
C VAL A 340 5.55 7.36 -19.62
N MET A 341 4.93 8.32 -20.28
CA MET A 341 4.29 8.04 -21.57
C MET A 341 5.30 7.57 -22.61
N GLU A 342 6.48 8.21 -22.64
N GLU A 342 6.50 8.19 -22.63
CA GLU A 342 7.52 7.79 -23.58
CA GLU A 342 7.51 7.79 -23.60
C GLU A 342 7.95 6.36 -23.33
C GLU A 342 8.01 6.38 -23.33
N VAL A 343 8.15 6.01 -22.05
CA VAL A 343 8.54 4.64 -21.70
C VAL A 343 7.45 3.66 -22.12
N ALA A 344 6.20 3.99 -21.81
CA ALA A 344 5.09 3.10 -22.16
C ALA A 344 4.97 2.91 -23.67
N GLN A 345 5.16 3.99 -24.43
CA GLN A 345 5.03 3.89 -25.87
C GLN A 345 6.19 3.11 -26.48
N LYS A 346 7.41 3.44 -26.08
CA LYS A 346 8.60 2.76 -26.60
C LYS A 346 8.72 1.32 -26.13
N SER A 347 7.94 0.92 -25.12
CA SER A 347 8.00 -0.44 -24.63
C SER A 347 7.56 -1.44 -25.68
N GLY A 348 6.74 -1.01 -26.63
CA GLY A 348 6.22 -1.92 -27.63
C GLY A 348 5.15 -2.85 -27.14
N ILE A 349 4.76 -2.78 -25.86
CA ILE A 349 3.76 -3.69 -25.33
C ILE A 349 2.41 -3.43 -25.99
N GLY A 350 2.05 -2.16 -26.17
CA GLY A 350 0.88 -1.79 -26.93
C GLY A 350 -0.43 -2.04 -26.18
N ALA A 351 -1.53 -1.81 -26.91
CA ALA A 351 -2.86 -2.06 -26.39
C ALA A 351 -3.15 -3.56 -26.43
N GLN A 352 -2.49 -4.26 -25.51
CA GLN A 352 -2.68 -5.69 -25.23
C GLN A 352 -1.88 -6.63 -26.13
N PHE A 353 -1.65 -6.27 -27.40
CA PHE A 353 -1.08 -7.25 -28.33
C PHE A 353 0.00 -6.62 -29.21
N GLY A 354 0.81 -5.75 -28.64
CA GLY A 354 1.94 -5.21 -29.37
C GLY A 354 1.64 -3.91 -30.07
N GLY A 355 2.46 -2.89 -29.83
CA GLY A 355 2.26 -1.60 -30.44
C GLY A 355 2.64 -0.45 -29.55
N LYS A 356 1.96 0.69 -29.72
CA LYS A 356 2.29 1.93 -29.05
C LYS A 356 1.39 2.26 -27.86
N TYR A 357 0.17 1.72 -27.83
CA TYR A 357 -0.84 2.25 -26.90
C TYR A 357 -0.98 1.40 -25.65
N PHE A 358 0.16 1.14 -25.02
CA PHE A 358 0.18 0.59 -23.66
C PHE A 358 -0.56 1.50 -22.68
N ALA A 359 -0.52 2.82 -22.91
CA ALA A 359 -1.09 3.77 -21.96
C ALA A 359 -1.91 4.85 -22.66
N HIS A 360 -3.05 5.17 -22.04
CA HIS A 360 -3.85 6.35 -22.40
C HIS A 360 -3.11 7.64 -22.06
N GLN A 361 -2.65 7.73 -20.82
CA GLN A 361 -2.10 8.96 -20.27
C GLN A 361 -1.43 8.56 -18.96
N ALA A 362 -0.70 9.51 -18.38
CA ALA A 362 0.05 9.27 -17.16
C ALA A 362 -0.23 10.38 -16.17
N ARG A 363 -0.17 10.03 -14.89
CA ARG A 363 -0.22 10.99 -13.80
C ARG A 363 0.93 10.66 -12.87
N VAL A 364 1.73 11.67 -12.52
CA VAL A 364 2.87 11.51 -11.62
C VAL A 364 2.73 12.53 -10.50
N ILE A 365 2.66 12.07 -9.26
N ILE A 365 2.65 12.06 -9.27
CA ILE A 365 2.57 12.97 -8.12
CA ILE A 365 2.57 12.91 -8.09
C ILE A 365 3.77 12.76 -7.22
C ILE A 365 3.85 12.73 -7.28
N ARG A 366 4.49 13.85 -6.94
CA ARG A 366 5.63 13.83 -6.04
C ARG A 366 5.15 14.27 -4.65
N LEU A 367 5.49 13.50 -3.64
CA LEU A 367 5.04 13.73 -2.27
C LEU A 367 6.23 13.96 -1.33
N PRO A 368 6.00 14.60 -0.19
CA PRO A 368 7.05 14.68 0.82
C PRO A 368 7.35 13.30 1.39
N ARG A 369 8.50 13.19 2.08
CA ARG A 369 8.91 11.92 2.62
C ARG A 369 9.74 12.16 3.88
N HIS A 370 9.64 11.22 4.81
CA HIS A 370 10.62 11.10 5.88
C HIS A 370 12.00 10.88 5.25
N GLY A 371 13.03 11.50 5.82
CA GLY A 371 14.37 11.38 5.24
C GLY A 371 14.83 9.94 5.06
N ALA A 372 14.40 9.05 5.94
CA ALA A 372 14.81 7.65 5.87
C ALA A 372 13.96 6.83 4.90
N SER A 373 12.94 7.42 4.28
CA SER A 373 11.92 6.67 3.57
C SER A 373 11.73 7.18 2.14
N CYS A 374 11.32 6.30 1.24
CA CYS A 374 10.83 6.69 -0.08
C CYS A 374 9.87 5.63 -0.61
N PRO A 375 8.65 5.59 -0.08
CA PRO A 375 7.63 4.71 -0.67
C PRO A 375 7.29 5.20 -2.07
N VAL A 376 7.00 4.24 -2.95
CA VAL A 376 6.63 4.55 -4.33
C VAL A 376 5.43 3.69 -4.68
N GLY A 377 4.42 4.30 -5.28
CA GLY A 377 3.21 3.60 -5.70
C GLY A 377 3.06 3.64 -7.21
N LEU A 378 2.66 2.51 -7.79
CA LEU A 378 2.36 2.41 -9.21
C LEU A 378 1.03 1.68 -9.36
N ALA A 379 0.10 2.27 -10.11
CA ALA A 379 -1.22 1.67 -10.27
C ALA A 379 -1.82 2.12 -11.59
N VAL A 380 -2.85 1.41 -12.04
CA VAL A 380 -3.50 1.72 -13.31
C VAL A 380 -5.01 1.83 -13.14
N SER A 381 -5.61 2.59 -14.04
CA SER A 381 -7.02 2.42 -14.35
C SER A 381 -7.11 1.68 -15.67
N CYS A 382 -7.97 0.68 -15.73
CA CYS A 382 -8.04 -0.26 -16.84
C CYS A 382 -9.06 0.20 -17.89
N SER A 383 -9.38 -0.69 -18.84
CA SER A 383 -10.36 -0.39 -19.87
C SER A 383 -11.74 -0.11 -19.28
N ALA A 384 -12.07 -0.76 -18.16
CA ALA A 384 -13.28 -0.45 -17.41
C ALA A 384 -12.96 0.67 -16.41
N ASP A 385 -12.69 1.83 -16.98
CA ASP A 385 -12.32 3.04 -16.25
C ASP A 385 -13.60 3.65 -15.68
N ARG A 386 -13.89 3.39 -14.39
CA ARG A 386 -15.22 3.63 -13.82
C ARG A 386 -15.12 4.43 -12.52
N GLN A 387 -15.26 5.76 -12.63
CA GLN A 387 -15.39 6.62 -11.48
C GLN A 387 -16.38 7.73 -11.81
N ILE A 388 -17.05 8.23 -10.78
N ILE A 388 -17.01 8.29 -10.79
CA ILE A 388 -18.05 9.29 -10.92
CA ILE A 388 -17.98 9.35 -11.03
C ILE A 388 -17.91 10.22 -9.73
C ILE A 388 -18.05 10.23 -9.78
N LEU A 389 -17.83 11.52 -9.99
CA LEU A 389 -17.87 12.52 -8.94
C LEU A 389 -19.31 12.93 -8.67
N ALA A 390 -19.55 13.40 -7.44
CA ALA A 390 -20.90 13.81 -7.05
C ALA A 390 -20.80 14.73 -5.84
N HIS A 391 -21.87 15.50 -5.62
CA HIS A 391 -21.93 16.31 -4.40
C HIS A 391 -23.37 16.60 -4.03
N ILE A 392 -23.60 16.78 -2.73
CA ILE A 392 -24.89 17.20 -2.19
C ILE A 392 -24.70 18.57 -1.56
N ASN A 393 -25.55 19.52 -1.93
CA ASN A 393 -25.47 20.86 -1.36
C ASN A 393 -26.89 21.37 -1.18
N LYS A 394 -27.01 22.67 -0.91
CA LYS A 394 -28.32 23.26 -0.64
C LYS A 394 -29.28 23.17 -1.82
N SER A 395 -28.78 22.88 -3.02
CA SER A 395 -29.62 22.77 -4.20
C SER A 395 -30.02 21.33 -4.52
N GLY A 396 -29.46 20.35 -3.85
CA GLY A 396 -29.87 18.97 -4.08
C GLY A 396 -28.71 18.06 -4.37
N ILE A 397 -28.94 17.01 -5.16
CA ILE A 397 -27.94 15.98 -5.48
C ILE A 397 -27.45 16.20 -6.90
N TYR A 398 -26.13 16.29 -7.07
CA TYR A 398 -25.49 16.47 -8.36
C TYR A 398 -24.56 15.30 -8.65
N ILE A 399 -24.59 14.79 -9.88
N ILE A 399 -24.59 14.79 -9.88
CA ILE A 399 -23.79 13.64 -10.28
CA ILE A 399 -23.78 13.66 -10.28
C ILE A 399 -23.08 13.95 -11.59
C ILE A 399 -23.06 13.99 -11.58
N GLU A 400 -21.80 13.56 -11.67
CA GLU A 400 -21.01 13.83 -12.86
C GLU A 400 -21.67 13.23 -14.10
N GLN A 401 -21.69 14.01 -15.17
CA GLN A 401 -22.29 13.60 -16.44
C GLN A 401 -21.23 12.88 -17.28
N LEU A 402 -21.48 11.62 -17.60
CA LEU A 402 -20.57 10.87 -18.45
C LEU A 402 -21.04 10.96 -19.91
N GLU A 403 -20.23 10.41 -20.82
CA GLU A 403 -20.52 10.54 -22.25
C GLU A 403 -21.55 9.49 -22.64
N GLN A 404 -22.75 9.95 -23.03
CA GLN A 404 -23.83 9.04 -23.36
C GLN A 404 -23.83 8.61 -24.82
N ASN A 405 -23.01 9.21 -25.67
CA ASN A 405 -22.93 8.84 -27.09
C ASN A 405 -21.48 8.52 -27.43
N PRO A 406 -20.96 7.38 -26.97
CA PRO A 406 -19.57 7.01 -27.30
C PRO A 406 -19.35 6.76 -28.78
N ALA A 407 -20.41 6.50 -29.56
CA ALA A 407 -20.24 6.18 -30.97
C ALA A 407 -19.61 7.32 -31.76
N GLN A 408 -19.73 8.56 -31.28
CA GLN A 408 -19.14 9.68 -31.98
C GLN A 408 -17.61 9.61 -32.02
N TYR A 409 -17.00 8.79 -31.16
CA TYR A 409 -15.54 8.62 -31.16
C TYR A 409 -15.06 7.57 -32.14
N LEU A 410 -15.98 6.82 -32.74
CA LEU A 410 -15.62 5.87 -33.79
C LEU A 410 -15.46 6.61 -35.12
N PRO A 411 -14.38 6.36 -35.85
CA PRO A 411 -14.18 7.07 -37.13
C PRO A 411 -14.96 6.41 -38.25
N ASP A 412 -15.21 7.20 -39.29
CA ASP A 412 -15.86 6.69 -40.50
C ASP A 412 -14.93 5.79 -41.29
N THR A 421 -7.79 -12.30 -42.62
CA THR A 421 -7.07 -11.65 -41.53
C THR A 421 -7.15 -12.45 -40.23
N SER A 422 -7.88 -13.57 -40.25
CA SER A 422 -7.99 -14.41 -39.06
C SER A 422 -8.31 -15.84 -39.49
N VAL A 423 -7.95 -16.78 -38.62
CA VAL A 423 -8.14 -18.21 -38.86
C VAL A 423 -9.40 -18.66 -38.14
N LYS A 424 -10.32 -19.28 -38.88
N LYS A 424 -10.31 -19.28 -38.89
CA LYS A 424 -11.53 -19.82 -38.29
CA LYS A 424 -11.53 -19.84 -38.30
C LYS A 424 -11.21 -21.16 -37.64
C LYS A 424 -11.19 -21.17 -37.64
N VAL A 425 -11.50 -21.29 -36.35
CA VAL A 425 -11.22 -22.48 -35.57
C VAL A 425 -12.55 -23.08 -35.12
N ASP A 426 -12.87 -24.27 -35.64
CA ASP A 426 -14.08 -24.99 -35.25
C ASP A 426 -13.77 -25.79 -33.99
N LEU A 427 -14.38 -25.38 -32.87
CA LEU A 427 -14.17 -26.11 -31.62
C LEU A 427 -15.06 -27.34 -31.49
N LYS A 428 -16.05 -27.51 -32.38
CA LYS A 428 -16.93 -28.68 -32.36
C LYS A 428 -16.24 -29.87 -33.03
N ARG A 429 -14.99 -30.11 -32.68
CA ARG A 429 -14.18 -31.19 -33.20
C ARG A 429 -13.51 -31.86 -32.02
N PRO A 430 -12.94 -33.05 -32.20
CA PRO A 430 -12.09 -33.60 -31.15
C PRO A 430 -11.01 -32.59 -30.77
N ILE A 431 -10.75 -32.49 -29.46
CA ILE A 431 -9.80 -31.48 -28.99
C ILE A 431 -8.44 -31.68 -29.64
N ASP A 432 -8.08 -32.92 -29.94
CA ASP A 432 -6.78 -33.20 -30.55
C ASP A 432 -6.70 -32.68 -31.98
N LYS A 433 -7.84 -32.64 -32.70
CA LYS A 433 -7.85 -32.02 -34.01
C LYS A 433 -7.71 -30.50 -33.91
N VAL A 434 -8.33 -29.89 -32.88
CA VAL A 434 -8.17 -28.46 -32.67
C VAL A 434 -6.70 -28.14 -32.36
N ARG A 435 -6.07 -28.94 -31.50
CA ARG A 435 -4.65 -28.75 -31.22
C ARG A 435 -3.83 -28.87 -32.50
N GLN A 436 -4.16 -29.84 -33.35
N GLN A 436 -4.15 -29.85 -33.34
CA GLN A 436 -3.41 -30.04 -34.59
CA GLN A 436 -3.43 -30.04 -34.60
C GLN A 436 -3.53 -28.83 -35.51
C GLN A 436 -3.52 -28.80 -35.48
N GLN A 437 -4.72 -28.22 -35.60
CA GLN A 437 -4.88 -27.03 -36.42
C GLN A 437 -4.10 -25.86 -35.84
N LEU A 438 -4.21 -25.62 -34.53
CA LEU A 438 -3.50 -24.51 -33.90
C LEU A 438 -1.99 -24.64 -34.08
N SER A 439 -1.47 -25.87 -34.07
N SER A 439 -1.47 -25.87 -34.07
CA SER A 439 -0.05 -26.10 -34.23
CA SER A 439 -0.03 -26.08 -34.16
C SER A 439 0.49 -25.65 -35.58
C SER A 439 0.56 -25.59 -35.47
N GLN A 440 -0.39 -25.38 -36.55
N GLN A 440 -0.27 -25.41 -36.50
CA GLN A 440 0.03 -24.93 -37.88
CA GLN A 440 0.21 -24.97 -37.81
C GLN A 440 0.38 -23.45 -37.91
C GLN A 440 0.44 -23.46 -37.90
N TYR A 441 0.16 -22.71 -36.83
CA TYR A 441 0.27 -21.26 -36.87
C TYR A 441 1.25 -20.73 -35.81
N PRO A 442 1.92 -19.62 -36.10
CA PRO A 442 2.82 -19.00 -35.12
C PRO A 442 2.04 -18.17 -34.10
N VAL A 443 2.73 -17.84 -33.00
CA VAL A 443 2.14 -16.95 -32.01
C VAL A 443 1.89 -15.59 -32.66
N GLY A 444 0.85 -14.89 -32.18
CA GLY A 444 0.41 -13.67 -32.80
C GLY A 444 -0.66 -13.84 -33.85
N THR A 445 -0.92 -15.06 -34.30
CA THR A 445 -2.00 -15.32 -35.24
C THR A 445 -3.35 -15.02 -34.58
N ARG A 446 -4.21 -14.27 -35.28
CA ARG A 446 -5.55 -14.02 -34.79
C ARG A 446 -6.48 -15.13 -35.25
N VAL A 447 -7.27 -15.66 -34.32
CA VAL A 447 -8.20 -16.75 -34.61
C VAL A 447 -9.61 -16.32 -34.25
N MET A 448 -10.59 -17.05 -34.80
N MET A 448 -10.58 -17.04 -34.82
CA MET A 448 -12.00 -16.85 -34.51
CA MET A 448 -12.00 -16.87 -34.53
C MET A 448 -12.59 -18.19 -34.08
C MET A 448 -12.56 -18.20 -34.08
N LEU A 449 -13.02 -18.28 -32.83
CA LEU A 449 -13.45 -19.54 -32.25
C LEU A 449 -14.95 -19.75 -32.40
N ASN A 450 -15.33 -20.98 -32.73
CA ASN A 450 -16.74 -21.34 -32.93
C ASN A 450 -16.99 -22.70 -32.28
N GLY A 451 -17.79 -22.70 -31.22
CA GLY A 451 -18.13 -23.95 -30.57
C GLY A 451 -18.16 -23.85 -29.07
N THR A 452 -17.89 -24.95 -28.38
CA THR A 452 -18.09 -25.06 -26.94
C THR A 452 -16.84 -24.66 -26.18
N LEU A 453 -17.03 -23.89 -25.13
CA LEU A 453 -15.99 -23.59 -24.14
C LEU A 453 -16.47 -24.05 -22.78
N ILE A 454 -15.57 -24.63 -21.99
CA ILE A 454 -15.83 -24.92 -20.59
C ILE A 454 -15.21 -23.79 -19.77
N VAL A 455 -16.01 -23.21 -18.88
CA VAL A 455 -15.63 -21.99 -18.18
C VAL A 455 -15.30 -22.32 -16.74
N ALA A 456 -14.11 -21.89 -16.28
CA ALA A 456 -13.68 -22.14 -14.92
C ALA A 456 -12.58 -21.14 -14.55
N ARG A 457 -12.63 -20.62 -13.32
CA ARG A 457 -11.56 -19.72 -12.87
C ARG A 457 -11.02 -20.13 -11.50
N ASP A 458 -10.77 -19.15 -10.61
CA ASP A 458 -9.87 -19.37 -9.47
C ASP A 458 -10.37 -20.48 -8.57
N ILE A 459 -11.61 -20.39 -8.09
CA ILE A 459 -12.09 -21.32 -7.08
C ILE A 459 -12.32 -22.71 -7.69
N ALA A 460 -12.86 -22.77 -8.90
CA ALA A 460 -13.07 -24.07 -9.54
C ALA A 460 -11.76 -24.79 -9.78
N HIS A 461 -10.73 -24.06 -10.23
CA HIS A 461 -9.41 -24.67 -10.39
C HIS A 461 -8.89 -25.19 -9.05
N ALA A 462 -9.03 -24.38 -7.99
CA ALA A 462 -8.54 -24.81 -6.68
C ALA A 462 -9.30 -26.04 -6.20
N LYS A 463 -10.62 -26.08 -6.41
CA LYS A 463 -11.41 -27.23 -5.98
C LYS A 463 -11.01 -28.48 -6.75
N ILE A 464 -10.72 -28.34 -8.05
CA ILE A 464 -10.35 -29.51 -8.84
C ILE A 464 -8.97 -30.02 -8.45
N LYS A 465 -8.02 -29.11 -8.23
CA LYS A 465 -6.70 -29.55 -7.74
C LYS A 465 -6.83 -30.24 -6.39
N GLU A 466 -7.69 -29.73 -5.51
CA GLU A 466 -7.90 -30.38 -4.21
C GLU A 466 -8.47 -31.78 -4.39
N MET A 467 -9.41 -31.95 -5.33
CA MET A 467 -9.95 -33.27 -5.61
C MET A 467 -8.84 -34.21 -6.07
N MET A 468 -8.00 -33.73 -6.98
CA MET A 468 -6.92 -34.58 -7.50
C MET A 468 -5.91 -34.91 -6.41
N ASP A 469 -5.59 -33.94 -5.55
CA ASP A 469 -4.72 -34.20 -4.40
C ASP A 469 -5.30 -35.29 -3.51
N ASN A 470 -6.63 -35.44 -3.51
CA ASN A 470 -7.30 -36.50 -2.75
C ASN A 470 -7.50 -37.77 -3.57
N GLY A 471 -6.79 -37.91 -4.69
CA GLY A 471 -6.84 -39.12 -5.48
C GLY A 471 -7.90 -39.16 -6.57
N GLU A 472 -8.70 -38.13 -6.71
CA GLU A 472 -9.74 -38.15 -7.72
C GLU A 472 -9.17 -37.78 -9.09
N PRO A 473 -9.79 -38.26 -10.18
CA PRO A 473 -9.31 -37.90 -11.51
C PRO A 473 -9.65 -36.45 -11.83
N LEU A 474 -8.89 -35.89 -12.77
CA LEU A 474 -9.31 -34.65 -13.39
C LEU A 474 -10.67 -34.87 -14.05
N PRO A 475 -11.68 -34.06 -13.75
CA PRO A 475 -13.01 -34.32 -14.31
C PRO A 475 -12.99 -34.31 -15.83
N GLU A 476 -13.86 -35.15 -16.41
CA GLU A 476 -13.92 -35.31 -17.86
C GLU A 476 -14.24 -33.98 -18.56
N TYR A 477 -15.04 -33.12 -17.94
CA TYR A 477 -15.42 -31.87 -18.58
C TYR A 477 -14.27 -30.89 -18.70
N MET A 478 -13.12 -31.18 -18.08
CA MET A 478 -11.91 -30.39 -18.27
C MET A 478 -11.07 -30.87 -19.44
N LYS A 479 -11.49 -31.94 -20.13
CA LYS A 479 -10.70 -32.51 -21.19
C LYS A 479 -11.37 -32.44 -22.56
N THR A 480 -12.64 -32.04 -22.65
CA THR A 480 -13.37 -32.16 -23.90
C THR A 480 -13.33 -30.89 -24.74
N SER A 481 -13.08 -29.75 -24.14
CA SER A 481 -13.20 -28.45 -24.78
C SER A 481 -12.11 -27.53 -24.24
N PRO A 482 -11.76 -26.46 -24.96
CA PRO A 482 -10.88 -25.45 -24.39
C PRO A 482 -11.48 -24.87 -23.11
N ILE A 483 -10.60 -24.46 -22.20
CA ILE A 483 -11.01 -23.90 -20.91
C ILE A 483 -10.96 -22.38 -20.99
N TYR A 484 -12.11 -21.75 -20.79
CA TYR A 484 -12.23 -20.29 -20.81
C TYR A 484 -12.28 -19.82 -19.36
N TYR A 485 -11.26 -19.07 -18.93
CA TYR A 485 -11.29 -18.47 -17.60
C TYR A 485 -12.21 -17.26 -17.65
N ALA A 486 -13.35 -17.33 -16.98
CA ALA A 486 -14.26 -16.19 -16.98
C ALA A 486 -15.29 -16.38 -15.87
N GLY A 487 -15.91 -15.28 -15.47
CA GLY A 487 -17.01 -15.29 -14.54
C GLY A 487 -18.07 -14.29 -14.98
N PRO A 488 -19.22 -14.80 -15.40
CA PRO A 488 -20.21 -13.94 -16.05
C PRO A 488 -20.96 -13.06 -15.07
N ALA A 489 -21.36 -11.89 -15.56
CA ALA A 489 -22.36 -11.08 -14.87
C ALA A 489 -23.75 -11.67 -15.12
N LYS A 490 -24.75 -11.12 -14.42
CA LYS A 490 -26.10 -11.68 -14.50
C LYS A 490 -26.70 -11.46 -15.87
N THR A 491 -27.54 -12.42 -16.27
CA THR A 491 -28.10 -12.42 -17.62
C THR A 491 -29.33 -11.52 -17.68
N PRO A 492 -29.37 -10.52 -18.56
CA PRO A 492 -30.58 -9.72 -18.74
C PRO A 492 -31.74 -10.58 -19.22
N GLU A 493 -32.95 -10.20 -18.82
CA GLU A 493 -34.15 -10.89 -19.28
C GLU A 493 -34.19 -10.90 -20.81
N GLY A 494 -34.39 -12.08 -21.38
CA GLY A 494 -34.47 -12.23 -22.82
C GLY A 494 -33.14 -12.28 -23.54
N TYR A 495 -32.02 -12.27 -22.81
CA TYR A 495 -30.69 -12.34 -23.39
C TYR A 495 -30.12 -13.73 -23.21
N ALA A 496 -29.22 -14.12 -24.12
CA ALA A 496 -28.55 -15.40 -23.99
C ALA A 496 -27.51 -15.38 -22.86
N SER A 497 -26.92 -14.22 -22.60
N SER A 497 -26.90 -14.23 -22.62
CA SER A 497 -25.83 -14.12 -21.65
CA SER A 497 -25.87 -14.16 -21.60
C SER A 497 -25.70 -12.69 -21.17
C SER A 497 -25.68 -12.71 -21.17
N GLY A 498 -25.25 -12.54 -19.93
CA GLY A 498 -24.80 -11.25 -19.45
C GLY A 498 -23.38 -11.03 -19.91
N SER A 499 -22.83 -9.87 -19.54
CA SER A 499 -21.45 -9.57 -19.89
C SER A 499 -20.54 -10.68 -19.41
N PHE A 500 -19.56 -11.05 -20.25
CA PHE A 500 -18.89 -12.34 -20.10
C PHE A 500 -17.50 -12.33 -20.72
N GLY A 501 -16.66 -11.36 -20.36
CA GLY A 501 -15.31 -11.28 -20.85
C GLY A 501 -14.33 -12.10 -20.02
N PRO A 502 -13.06 -12.09 -20.41
CA PRO A 502 -12.09 -13.02 -19.81
C PRO A 502 -11.53 -12.59 -18.46
N THR A 503 -11.14 -13.61 -17.69
CA THR A 503 -10.39 -13.50 -16.45
C THR A 503 -8.89 -13.43 -16.77
N THR A 504 -8.12 -12.81 -15.87
CA THR A 504 -6.66 -12.78 -16.00
C THR A 504 -6.07 -14.20 -15.98
N ALA A 505 -5.36 -14.56 -17.05
CA ALA A 505 -4.85 -15.93 -17.17
C ALA A 505 -3.81 -16.25 -16.11
N GLY A 506 -2.98 -15.27 -15.73
CA GLY A 506 -1.84 -15.55 -14.88
C GLY A 506 -2.21 -16.15 -13.54
N ARG A 507 -3.40 -15.86 -13.04
CA ARG A 507 -3.82 -16.38 -11.74
C ARG A 507 -4.01 -17.89 -11.74
N MET A 508 -4.21 -18.50 -12.91
CA MET A 508 -4.38 -19.94 -13.03
C MET A 508 -3.09 -20.65 -13.45
N ASP A 509 -1.97 -19.92 -13.51
CA ASP A 509 -0.73 -20.49 -14.06
C ASP A 509 -0.31 -21.74 -13.33
N SER A 510 -0.53 -21.81 -12.02
CA SER A 510 -0.04 -22.94 -11.24
C SER A 510 -0.79 -24.24 -11.51
N TYR A 511 -1.89 -24.21 -12.27
CA TYR A 511 -2.67 -25.42 -12.54
C TYR A 511 -2.40 -26.03 -13.91
N VAL A 512 -1.78 -25.29 -14.84
CA VAL A 512 -1.78 -25.71 -16.23
C VAL A 512 -0.98 -27.00 -16.41
N ASP A 513 0.26 -27.02 -15.91
CA ASP A 513 1.10 -28.21 -16.08
C ASP A 513 0.46 -29.43 -15.42
N LEU A 514 -0.09 -29.25 -14.21
CA LEU A 514 -0.73 -30.35 -13.52
C LEU A 514 -1.90 -30.89 -14.33
N PHE A 515 -2.78 -30.00 -14.80
CA PHE A 515 -3.96 -30.45 -15.53
C PHE A 515 -3.58 -31.07 -16.87
N GLN A 516 -2.61 -30.47 -17.56
CA GLN A 516 -2.19 -31.05 -18.84
C GLN A 516 -1.55 -32.42 -18.65
N SER A 517 -0.82 -32.61 -17.54
CA SER A 517 -0.27 -33.93 -17.23
C SER A 517 -1.36 -34.97 -17.05
N HIS A 518 -2.59 -34.56 -16.73
CA HIS A 518 -3.71 -35.49 -16.58
C HIS A 518 -4.67 -35.44 -17.76
N GLY A 519 -4.23 -34.91 -18.91
CA GLY A 519 -5.00 -35.01 -20.12
C GLY A 519 -6.06 -33.95 -20.33
N GLY A 520 -5.95 -32.79 -19.67
CA GLY A 520 -6.92 -31.73 -19.84
C GLY A 520 -6.26 -30.37 -19.83
N SER A 521 -7.08 -29.35 -20.09
CA SER A 521 -6.62 -27.96 -20.14
C SER A 521 -5.50 -27.77 -21.17
N TYR A 522 -5.54 -28.55 -22.26
CA TYR A 522 -4.54 -28.39 -23.32
C TYR A 522 -4.67 -27.04 -24.00
N ILE A 523 -5.87 -26.50 -24.08
CA ILE A 523 -6.13 -25.19 -24.68
C ILE A 523 -6.84 -24.35 -23.66
N THR A 524 -6.27 -23.19 -23.33
CA THR A 524 -6.90 -22.25 -22.43
C THR A 524 -7.12 -20.92 -23.14
N LEU A 525 -8.16 -20.21 -22.70
CA LEU A 525 -8.57 -18.94 -23.30
C LEU A 525 -8.82 -17.95 -22.19
N ALA A 526 -8.06 -16.85 -22.18
CA ALA A 526 -8.19 -15.83 -21.15
C ALA A 526 -7.50 -14.56 -21.65
N LYS A 527 -7.01 -13.74 -20.71
N LYS A 527 -7.02 -13.73 -20.71
CA LYS A 527 -6.35 -12.50 -21.09
CA LYS A 527 -6.35 -12.49 -21.08
C LYS A 527 -5.12 -12.28 -20.23
C LYS A 527 -5.11 -12.30 -20.23
N GLY A 528 -4.13 -11.61 -20.81
CA GLY A 528 -2.91 -11.27 -20.09
C GLY A 528 -1.75 -12.19 -20.44
N ASN A 529 -0.55 -11.68 -20.20
CA ASN A 529 0.66 -12.48 -20.31
C ASN A 529 0.72 -13.48 -19.17
N ARG A 530 1.43 -14.58 -19.40
CA ARG A 530 1.54 -15.67 -18.43
C ARG A 530 3.01 -15.94 -18.12
N SER A 531 3.23 -16.70 -17.05
CA SER A 531 4.56 -17.00 -16.57
C SER A 531 5.21 -18.09 -17.41
N LYS A 532 6.53 -18.27 -17.21
CA LYS A 532 7.31 -19.20 -18.01
C LYS A 532 6.86 -20.64 -17.82
N GLN A 533 6.36 -20.98 -16.63
CA GLN A 533 5.90 -22.35 -16.39
C GLN A 533 4.77 -22.74 -17.36
N VAL A 534 3.98 -21.77 -17.83
CA VAL A 534 2.92 -22.09 -18.77
C VAL A 534 3.48 -22.30 -20.17
N THR A 535 4.44 -21.47 -20.57
CA THR A 535 5.13 -21.71 -21.85
C THR A 535 5.79 -23.08 -21.87
N ASP A 536 6.45 -23.44 -20.76
CA ASP A 536 7.11 -24.76 -20.70
C ASP A 536 6.10 -25.89 -20.73
N ALA A 537 4.95 -25.72 -20.06
CA ALA A 537 3.93 -26.75 -20.03
C ALA A 537 3.35 -27.00 -21.43
N CYS A 538 3.00 -25.91 -22.13
CA CYS A 538 2.41 -26.06 -23.46
C CYS A 538 3.39 -26.71 -24.43
N LYS A 539 4.68 -26.41 -24.29
CA LYS A 539 5.67 -27.07 -25.14
C LYS A 539 5.81 -28.54 -24.77
N LYS A 540 5.79 -28.85 -23.47
CA LYS A 540 5.94 -30.22 -23.02
C LYS A 540 4.73 -31.08 -23.41
N HIS A 541 3.54 -30.51 -23.36
CA HIS A 541 2.30 -31.26 -23.48
C HIS A 541 1.55 -31.03 -24.78
N GLY A 542 2.06 -30.21 -25.68
CA GLY A 542 1.34 -29.91 -26.91
C GLY A 542 0.11 -29.05 -26.65
N GLY A 543 0.27 -27.98 -25.89
CA GLY A 543 -0.80 -27.11 -25.52
C GLY A 543 -0.69 -25.72 -26.12
N PHE A 544 -1.73 -24.92 -25.86
CA PHE A 544 -1.83 -23.57 -26.41
C PHE A 544 -2.54 -22.68 -25.40
N TYR A 545 -2.13 -21.41 -25.36
CA TYR A 545 -2.85 -20.39 -24.61
C TYR A 545 -3.33 -19.33 -25.58
N LEU A 546 -4.64 -19.13 -25.64
CA LEU A 546 -5.26 -18.16 -26.52
C LEU A 546 -5.64 -16.91 -25.74
N GLY A 547 -5.20 -15.75 -26.23
CA GLY A 547 -5.52 -14.50 -25.56
C GLY A 547 -6.74 -13.82 -26.15
N SER A 548 -7.83 -13.82 -25.40
CA SER A 548 -8.97 -12.99 -25.74
C SER A 548 -8.59 -11.52 -25.56
N ILE A 549 -9.26 -10.64 -26.30
CA ILE A 549 -9.18 -9.24 -25.97
C ILE A 549 -9.75 -9.05 -24.56
N GLY A 550 -9.07 -8.24 -23.76
CA GLY A 550 -9.53 -7.98 -22.40
C GLY A 550 -10.37 -6.73 -22.36
N GLY A 551 -11.54 -6.82 -21.73
CA GLY A 551 -12.40 -5.66 -21.61
C GLY A 551 -13.77 -5.71 -22.30
N PRO A 552 -13.88 -6.28 -23.52
CA PRO A 552 -15.13 -6.09 -24.28
C PRO A 552 -16.22 -7.08 -23.91
N ALA A 553 -16.58 -7.11 -22.62
CA ALA A 553 -17.49 -8.13 -22.12
C ALA A 553 -18.90 -8.00 -22.70
N ALA A 554 -19.34 -6.78 -23.00
CA ALA A 554 -20.71 -6.58 -23.46
C ALA A 554 -20.86 -6.98 -24.93
N ILE A 555 -19.89 -6.62 -25.78
CA ILE A 555 -20.02 -7.00 -27.18
C ILE A 555 -19.81 -8.51 -27.33
N LEU A 556 -18.95 -9.12 -26.50
CA LEU A 556 -18.83 -10.57 -26.53
C LEU A 556 -20.14 -11.23 -26.16
N ALA A 557 -20.78 -10.74 -25.10
CA ALA A 557 -22.08 -11.29 -24.69
C ALA A 557 -23.13 -11.08 -25.79
N LYS A 558 -23.17 -9.89 -26.40
N LYS A 558 -23.13 -9.90 -26.40
CA LYS A 558 -24.22 -9.61 -27.35
CA LYS A 558 -24.21 -9.58 -27.35
C LYS A 558 -24.01 -10.35 -28.67
C LYS A 558 -24.02 -10.30 -28.68
N ASP A 559 -22.77 -10.42 -29.15
CA ASP A 559 -22.50 -10.93 -30.48
C ASP A 559 -21.93 -12.35 -30.53
N SER A 560 -21.21 -12.80 -29.50
CA SER A 560 -20.49 -14.05 -29.61
C SER A 560 -21.06 -15.18 -28.77
N ILE A 561 -21.60 -14.89 -27.60
CA ILE A 561 -22.02 -15.94 -26.68
C ILE A 561 -23.49 -16.26 -26.96
N LYS A 562 -23.74 -17.49 -27.41
CA LYS A 562 -25.07 -17.89 -27.88
C LYS A 562 -25.84 -18.72 -26.89
N GLN A 563 -25.17 -19.39 -25.96
CA GLN A 563 -25.86 -20.23 -24.97
C GLN A 563 -24.95 -20.40 -23.76
N VAL A 564 -25.56 -20.38 -22.57
CA VAL A 564 -24.84 -20.53 -21.31
C VAL A 564 -25.62 -21.52 -20.44
N THR A 565 -24.94 -22.55 -19.94
CA THR A 565 -25.53 -23.47 -19.00
C THR A 565 -24.52 -23.72 -17.88
N CYS A 566 -25.02 -23.87 -16.66
CA CYS A 566 -24.17 -24.21 -15.54
C CYS A 566 -23.90 -25.72 -15.51
N LEU A 567 -22.62 -26.09 -15.47
CA LEU A 567 -22.23 -27.49 -15.50
C LEU A 567 -21.90 -28.06 -14.13
N ALA A 568 -21.20 -27.32 -13.29
CA ALA A 568 -20.78 -27.83 -12.00
C ALA A 568 -20.56 -26.68 -11.03
N PHE A 569 -20.49 -27.02 -9.75
CA PHE A 569 -20.26 -26.07 -8.67
C PHE A 569 -21.19 -24.86 -8.72
N PRO A 570 -22.51 -25.07 -8.82
CA PRO A 570 -23.41 -23.90 -8.91
C PRO A 570 -23.33 -22.99 -7.69
N GLU A 571 -22.96 -23.51 -6.52
CA GLU A 571 -22.86 -22.70 -5.31
C GLU A 571 -21.80 -21.62 -5.39
N LEU A 572 -20.92 -21.67 -6.39
CA LEU A 572 -19.86 -20.68 -6.52
C LEU A 572 -20.33 -19.40 -7.21
N GLY A 573 -21.60 -19.32 -7.62
CA GLY A 573 -22.07 -18.10 -8.24
C GLY A 573 -21.41 -17.90 -9.60
N MET A 574 -20.87 -16.69 -9.81
N MET A 574 -20.87 -16.69 -9.81
CA MET A 574 -20.20 -16.43 -11.08
CA MET A 574 -20.18 -16.40 -11.06
C MET A 574 -18.95 -17.29 -11.26
C MET A 574 -18.96 -17.28 -11.26
N GLU A 575 -18.43 -17.87 -10.19
CA GLU A 575 -17.27 -18.74 -10.25
C GLU A 575 -17.61 -20.21 -10.48
N ALA A 576 -18.88 -20.53 -10.80
CA ALA A 576 -19.23 -21.89 -11.15
C ALA A 576 -18.56 -22.31 -12.46
N VAL A 577 -18.56 -23.62 -12.71
CA VAL A 577 -18.13 -24.14 -14.01
C VAL A 577 -19.31 -24.03 -14.98
N TRP A 578 -19.09 -23.36 -16.10
CA TRP A 578 -20.12 -23.17 -17.10
C TRP A 578 -19.73 -23.89 -18.39
N LYS A 579 -20.75 -24.23 -19.17
CA LYS A 579 -20.57 -24.72 -20.54
C LYS A 579 -21.26 -23.71 -21.44
N ILE A 580 -20.51 -23.10 -22.34
CA ILE A 580 -21.06 -22.06 -23.21
C ILE A 580 -20.76 -22.39 -24.66
N GLU A 581 -21.63 -21.90 -25.54
CA GLU A 581 -21.46 -22.02 -26.97
C GLU A 581 -21.22 -20.64 -27.56
N VAL A 582 -20.15 -20.50 -28.34
CA VAL A 582 -19.74 -19.20 -28.86
C VAL A 582 -19.61 -19.25 -30.36
N GLU A 583 -19.70 -18.07 -30.97
CA GLU A 583 -19.49 -17.88 -32.40
C GLU A 583 -18.66 -16.62 -32.60
N ASP A 584 -17.73 -16.67 -33.56
CA ASP A 584 -16.93 -15.49 -33.94
C ASP A 584 -16.24 -14.86 -32.74
N PHE A 585 -15.70 -15.70 -31.86
CA PHE A 585 -15.04 -15.23 -30.66
C PHE A 585 -13.57 -14.96 -30.98
N PRO A 586 -13.12 -13.70 -30.97
CA PRO A 586 -11.75 -13.41 -31.40
C PRO A 586 -10.73 -13.69 -30.31
N ALA A 587 -9.55 -14.13 -30.75
CA ALA A 587 -8.42 -14.31 -29.84
C ALA A 587 -7.13 -14.36 -30.66
N PHE A 588 -6.01 -14.22 -29.95
CA PHE A 588 -4.67 -14.36 -30.51
C PHE A 588 -4.00 -15.59 -29.89
N ILE A 589 -3.20 -16.28 -30.69
CA ILE A 589 -2.35 -17.34 -30.16
C ILE A 589 -1.19 -16.69 -29.42
N VAL A 590 -1.20 -16.78 -28.09
CA VAL A 590 -0.18 -16.14 -27.27
C VAL A 590 0.96 -17.11 -26.98
N VAL A 591 0.63 -18.32 -26.55
CA VAL A 591 1.60 -19.38 -26.33
C VAL A 591 1.24 -20.55 -27.26
N ASP A 592 2.24 -21.08 -27.97
CA ASP A 592 2.02 -22.23 -28.83
C ASP A 592 2.56 -23.49 -28.15
N ASP A 593 2.67 -24.56 -28.93
CA ASP A 593 3.16 -25.85 -28.44
C ASP A 593 4.65 -26.03 -28.72
N LYS A 594 5.39 -24.95 -28.95
CA LYS A 594 6.77 -25.03 -29.40
C LYS A 594 7.73 -24.20 -28.56
N GLY A 595 7.26 -23.63 -27.45
CA GLY A 595 8.09 -22.79 -26.62
C GLY A 595 8.01 -21.31 -26.94
N ASN A 596 7.11 -20.89 -27.82
CA ASN A 596 7.03 -19.50 -28.25
C ASN A 596 5.95 -18.75 -27.47
N ASP A 597 6.21 -17.46 -27.24
CA ASP A 597 5.34 -16.62 -26.42
C ASP A 597 5.29 -15.24 -27.07
N MET A 598 4.09 -14.80 -27.42
CA MET A 598 3.88 -13.51 -28.07
C MET A 598 4.46 -12.35 -27.26
N TYR A 599 4.61 -12.50 -25.96
CA TYR A 599 5.08 -11.44 -25.09
C TYR A 599 6.55 -11.57 -24.71
N SER A 600 7.27 -12.54 -25.28
CA SER A 600 8.63 -12.82 -24.82
C SER A 600 9.60 -11.68 -25.13
N LYS A 601 9.32 -10.85 -26.13
CA LYS A 601 10.20 -9.73 -26.43
C LYS A 601 9.81 -8.46 -25.65
N THR A 602 8.53 -8.12 -25.63
CA THR A 602 8.14 -6.86 -25.01
C THR A 602 8.12 -6.94 -23.48
N LEU A 603 7.87 -8.12 -22.92
CA LEU A 603 7.78 -8.30 -21.48
C LEU A 603 8.96 -9.10 -20.92
N ALA A 604 10.07 -9.17 -21.65
CA ALA A 604 11.27 -9.84 -21.18
C ALA A 604 11.86 -9.14 -19.96
N ASP B 64 -32.58 -10.34 1.12
CA ASP B 64 -32.88 -9.04 1.71
C ASP B 64 -31.59 -8.33 2.09
N PHE B 65 -31.64 -6.99 2.11
CA PHE B 65 -30.46 -6.19 2.40
C PHE B 65 -30.11 -6.27 3.88
N HIS B 66 -28.85 -6.56 4.17
CA HIS B 66 -28.34 -6.52 5.54
C HIS B 66 -27.01 -5.80 5.55
N PHE B 67 -26.94 -4.66 6.25
CA PHE B 67 -25.69 -3.93 6.35
C PHE B 67 -24.78 -4.56 7.39
N SER B 68 -23.53 -4.77 7.01
CA SER B 68 -22.53 -5.33 7.92
C SER B 68 -21.26 -4.52 7.74
N ALA B 69 -20.90 -3.74 8.77
CA ALA B 69 -19.63 -3.03 8.74
C ALA B 69 -18.48 -4.03 8.70
N ILE B 70 -17.44 -3.68 7.94
CA ILE B 70 -16.29 -4.59 7.84
C ILE B 70 -15.63 -4.77 9.20
N PHE B 71 -15.46 -3.68 9.93
CA PHE B 71 -14.79 -3.70 11.22
C PHE B 71 -15.81 -3.53 12.33
N GLN B 72 -15.93 -4.55 13.19
CA GLN B 72 -16.90 -4.57 14.28
C GLN B 72 -16.19 -4.85 15.60
N PRO B 73 -15.34 -3.92 16.06
CA PRO B 73 -14.70 -4.12 17.36
C PRO B 73 -15.73 -4.22 18.47
N THR B 74 -15.45 -5.09 19.44
CA THR B 74 -16.27 -5.13 20.64
C THR B 74 -15.96 -3.98 21.59
N ASP B 75 -14.83 -3.30 21.39
CA ASP B 75 -14.43 -2.16 22.22
C ASP B 75 -14.12 -0.97 21.32
N PRO B 76 -15.12 -0.47 20.59
CA PRO B 76 -14.85 0.56 19.58
C PRO B 76 -14.29 1.86 20.15
N HIS B 77 -14.55 2.16 21.42
CA HIS B 77 -14.07 3.38 22.06
C HIS B 77 -12.84 3.15 22.92
N HIS B 78 -12.27 1.95 22.90
CA HIS B 78 -11.03 1.62 23.58
C HIS B 78 -11.15 1.84 25.08
N HIS B 79 -12.23 1.29 25.64
CA HIS B 79 -12.41 1.28 27.08
C HIS B 79 -11.35 0.46 27.79
N GLN B 80 -10.70 -0.49 27.10
CA GLN B 80 -9.63 -1.26 27.72
C GLN B 80 -8.40 -0.43 28.02
N THR B 81 -8.30 0.79 27.48
CA THR B 81 -7.16 1.65 27.68
C THR B 81 -7.42 2.62 28.83
N GLU B 82 -6.38 2.88 29.63
CA GLU B 82 -6.44 3.87 30.72
C GLU B 82 -6.11 5.26 30.20
N PHE B 83 -6.92 6.25 30.58
CA PHE B 83 -6.73 7.62 30.13
C PHE B 83 -6.60 8.55 31.33
N ALA B 84 -5.88 9.65 31.12
CA ALA B 84 -5.81 10.74 32.08
C ALA B 84 -6.41 11.98 31.43
N LYS B 85 -7.19 12.74 32.21
CA LYS B 85 -7.76 13.98 31.71
C LYS B 85 -6.76 15.12 31.86
N VAL B 86 -6.61 15.93 30.81
CA VAL B 86 -5.81 17.14 30.88
C VAL B 86 -6.49 18.12 31.83
N GLU B 87 -5.76 18.55 32.87
CA GLU B 87 -6.36 19.38 33.91
C GLU B 87 -6.92 20.67 33.32
N GLY B 88 -8.15 21.00 33.72
CA GLY B 88 -8.83 22.20 33.25
C GLY B 88 -9.34 22.15 31.82
N SER B 89 -9.18 21.03 31.12
CA SER B 89 -9.55 20.98 29.70
C SER B 89 -11.06 21.02 29.47
N GLU B 90 -11.88 20.93 30.52
CA GLU B 90 -13.32 21.07 30.31
C GLU B 90 -13.70 22.49 29.88
N LYS B 91 -12.79 23.46 30.02
CA LYS B 91 -13.10 24.81 29.55
C LYS B 91 -13.10 24.92 28.03
N TYR B 92 -12.58 23.91 27.33
CA TYR B 92 -12.52 23.94 25.87
C TYR B 92 -13.71 23.28 25.21
N VAL B 93 -14.63 22.70 25.98
CA VAL B 93 -15.76 21.96 25.42
C VAL B 93 -17.04 22.44 26.06
N GLU B 94 -18.15 22.27 25.33
CA GLU B 94 -19.46 22.59 25.88
C GLU B 94 -20.49 21.71 25.22
N GLU B 95 -21.23 20.96 26.03
CA GLU B 95 -22.30 20.13 25.52
C GLU B 95 -23.51 20.99 25.25
N VAL B 96 -24.10 20.84 24.05
CA VAL B 96 -25.28 21.58 23.65
C VAL B 96 -26.29 20.60 23.04
N GLU B 97 -27.50 21.09 22.83
CA GLU B 97 -28.57 20.30 22.22
C GLU B 97 -29.15 21.10 21.07
N VAL B 98 -29.12 20.52 19.88
CA VAL B 98 -29.52 21.24 18.66
C VAL B 98 -30.45 20.35 17.86
N PHE B 99 -31.64 20.88 17.56
CA PHE B 99 -32.65 20.13 16.80
C PHE B 99 -32.89 18.75 17.42
N GLY B 100 -32.96 18.73 18.75
CA GLY B 100 -33.28 17.54 19.50
C GLY B 100 -32.15 16.55 19.69
N ARG B 101 -30.94 16.86 19.26
CA ARG B 101 -29.81 15.94 19.38
C ARG B 101 -28.71 16.58 20.20
N GLN B 102 -27.97 15.74 20.92
CA GLN B 102 -26.85 16.19 21.73
C GLN B 102 -25.64 16.45 20.86
N ALA B 103 -25.01 17.60 21.04
CA ALA B 103 -23.85 18.01 20.25
C ALA B 103 -22.77 18.53 21.18
N LEU B 104 -21.55 18.67 20.64
CA LEU B 104 -20.42 19.13 21.42
C LEU B 104 -19.71 20.25 20.67
N LYS B 105 -19.64 21.43 21.29
CA LYS B 105 -18.82 22.51 20.79
C LYS B 105 -17.41 22.34 21.33
N VAL B 106 -16.43 22.31 20.45
CA VAL B 106 -15.03 22.13 20.82
C VAL B 106 -14.23 23.33 20.33
N ASN B 107 -13.66 24.07 21.27
CA ASN B 107 -12.67 25.08 20.94
C ASN B 107 -11.50 24.41 20.21
N PRO B 108 -11.18 24.82 18.99
CA PRO B 108 -10.10 24.13 18.25
C PRO B 108 -8.73 24.19 18.94
N GLU B 109 -8.53 25.12 19.89
N GLU B 109 -8.52 25.13 19.88
CA GLU B 109 -7.29 25.11 20.67
CA GLU B 109 -7.30 25.12 20.66
C GLU B 109 -7.10 23.79 21.40
C GLU B 109 -7.10 23.81 21.43
N ALA B 110 -8.19 23.09 21.71
CA ALA B 110 -8.08 21.78 22.34
C ALA B 110 -7.31 20.80 21.46
N LEU B 111 -7.47 20.90 20.14
CA LEU B 111 -6.72 20.04 19.23
C LEU B 111 -5.23 20.34 19.30
N THR B 112 -4.87 21.62 19.42
CA THR B 112 -3.47 22.00 19.56
C THR B 112 -2.89 21.46 20.87
N ILE B 113 -3.62 21.64 21.97
N ILE B 113 -3.63 21.65 21.96
CA ILE B 113 -3.15 21.18 23.28
CA ILE B 113 -3.17 21.18 23.28
C ILE B 113 -3.00 19.66 23.28
C ILE B 113 -2.99 19.67 23.27
N LEU B 114 -3.97 18.95 22.69
CA LEU B 114 -3.92 17.49 22.69
C LEU B 114 -2.77 16.97 21.84
N ALA B 115 -2.60 17.49 20.62
CA ALA B 115 -1.55 17.00 19.75
C ALA B 115 -0.17 17.29 20.34
N HIS B 116 -0.01 18.47 20.95
N HIS B 116 0.00 18.47 20.94
CA HIS B 116 1.25 18.82 21.58
CA HIS B 116 1.27 18.81 21.58
C HIS B 116 1.60 17.85 22.70
C HIS B 116 1.60 17.81 22.68
N ARG B 117 0.63 17.54 23.57
CA ARG B 117 0.92 16.63 24.67
C ARG B 117 1.12 15.20 24.19
N ALA B 118 0.33 14.75 23.20
CA ALA B 118 0.49 13.40 22.67
C ALA B 118 1.88 13.19 22.10
N PHE B 119 2.34 14.12 21.25
CA PHE B 119 3.64 13.96 20.62
C PHE B 119 4.78 14.38 21.53
N SER B 120 4.50 14.81 22.75
N SER B 120 4.51 14.77 22.77
CA SER B 120 5.51 14.95 23.78
CA SER B 120 5.53 14.95 23.79
C SER B 120 5.62 13.68 24.61
C SER B 120 5.62 13.76 24.74
N ASP B 121 4.48 13.20 25.12
CA ASP B 121 4.47 12.01 25.99
C ASP B 121 5.02 10.79 25.25
N VAL B 122 4.68 10.64 23.97
CA VAL B 122 4.94 9.38 23.30
C VAL B 122 6.43 9.14 23.08
N HIS B 123 7.26 10.19 23.16
CA HIS B 123 8.70 10.02 22.94
C HIS B 123 9.45 9.68 24.21
N HIS B 124 8.76 9.56 25.34
CA HIS B 124 9.43 9.30 26.60
C HIS B 124 8.87 8.11 27.35
N PHE B 125 7.76 7.53 26.91
CA PHE B 125 7.11 6.45 27.64
C PHE B 125 6.58 5.42 26.65
N PHE B 126 6.35 4.21 27.17
CA PHE B 126 5.92 3.08 26.35
C PHE B 126 4.69 2.43 26.98
N ARG B 127 4.00 1.60 26.19
CA ARG B 127 2.90 0.80 26.68
C ARG B 127 3.42 -0.42 27.45
N LYS B 128 2.54 -0.98 28.29
N LYS B 128 2.53 -0.99 28.27
CA LYS B 128 2.92 -2.12 29.10
CA LYS B 128 2.91 -2.12 29.11
C LYS B 128 3.21 -3.34 28.25
C LYS B 128 3.15 -3.38 28.29
N ASP B 129 2.42 -3.58 27.19
CA ASP B 129 2.63 -4.79 26.39
C ASP B 129 3.96 -4.74 25.65
N HIS B 130 4.45 -3.54 25.34
CA HIS B 130 5.79 -3.40 24.77
C HIS B 130 6.87 -3.68 25.82
N LEU B 131 6.76 -3.05 26.99
CA LEU B 131 7.75 -3.25 28.05
C LEU B 131 7.75 -4.69 28.55
N GLU B 132 6.58 -5.31 28.64
CA GLU B 132 6.50 -6.70 29.06
C GLU B 132 7.26 -7.62 28.12
N GLY B 133 7.26 -7.30 26.82
CA GLY B 133 7.98 -8.11 25.86
C GLY B 133 9.48 -8.08 26.08
N TRP B 134 10.02 -6.91 26.45
CA TRP B 134 11.44 -6.82 26.76
C TRP B 134 11.77 -7.60 28.02
N ARG B 135 10.88 -7.56 29.02
CA ARG B 135 11.10 -8.36 30.22
C ARG B 135 11.05 -9.85 29.89
N ARG B 136 10.13 -10.26 29.02
CA ARG B 136 10.06 -11.67 28.63
C ARG B 136 11.37 -12.13 27.99
N ALA B 137 11.96 -11.31 27.12
CA ALA B 137 13.23 -11.67 26.50
C ALA B 137 14.35 -11.80 27.51
N ILE B 138 14.30 -11.01 28.60
CA ILE B 138 15.36 -11.09 29.60
C ILE B 138 15.17 -12.33 30.48
N GLU B 139 13.93 -12.68 30.80
CA GLU B 139 13.68 -13.73 31.76
C GLU B 139 13.52 -15.12 31.15
N ASP B 140 13.31 -15.22 29.84
CA ASP B 140 13.09 -16.52 29.22
C ASP B 140 14.40 -17.32 29.21
N PRO B 141 14.43 -18.51 29.82
CA PRO B 141 15.65 -19.33 29.74
C PRO B 141 16.02 -19.71 28.32
N GLU B 142 15.03 -19.77 27.41
CA GLU B 142 15.27 -20.10 26.01
C GLU B 142 15.78 -18.92 25.20
N ALA B 143 15.81 -17.72 25.76
CA ALA B 143 16.37 -16.58 25.05
C ALA B 143 17.88 -16.71 24.95
N SER B 144 18.44 -16.25 23.83
CA SER B 144 19.89 -16.26 23.68
C SER B 144 20.50 -15.15 24.54
N ASP B 145 21.82 -15.25 24.74
CA ASP B 145 22.54 -14.19 25.44
C ASP B 145 22.36 -12.84 24.72
N ASN B 146 22.40 -12.85 23.39
CA ASN B 146 22.22 -11.62 22.64
C ASN B 146 20.79 -11.09 22.79
N ASP B 147 19.80 -12.01 22.86
CA ASP B 147 18.43 -11.60 23.15
C ASP B 147 18.36 -10.79 24.44
N ARG B 148 19.00 -11.30 25.50
N ARG B 148 19.02 -11.29 25.50
CA ARG B 148 18.96 -10.63 26.80
CA ARG B 148 18.95 -10.62 26.79
C ARG B 148 19.73 -9.33 26.77
C ARG B 148 19.75 -9.33 26.80
N TYR B 149 20.88 -9.30 26.10
CA TYR B 149 21.69 -8.09 26.05
C TYR B 149 20.95 -6.95 25.37
N VAL B 150 20.30 -7.24 24.24
CA VAL B 150 19.57 -6.20 23.50
C VAL B 150 18.36 -5.73 24.29
N ALA B 151 17.60 -6.67 24.86
CA ALA B 151 16.41 -6.29 25.62
C ALA B 151 16.77 -5.47 26.85
N THR B 152 17.85 -5.85 27.54
CA THR B 152 18.29 -5.06 28.69
C THR B 152 18.70 -3.65 28.26
N THR B 153 19.43 -3.55 27.14
CA THR B 153 19.83 -2.24 26.64
C THR B 153 18.61 -1.37 26.30
N LEU B 154 17.61 -1.94 25.64
CA LEU B 154 16.44 -1.18 25.27
C LEU B 154 15.64 -0.74 26.50
N LEU B 155 15.54 -1.61 27.51
CA LEU B 155 14.86 -1.21 28.74
C LEU B 155 15.62 -0.11 29.47
N LYS B 156 16.95 -0.20 29.51
N LYS B 156 16.95 -0.20 29.51
CA LYS B 156 17.75 0.88 30.10
CA LYS B 156 17.74 0.88 30.11
C LYS B 156 17.58 2.17 29.31
C LYS B 156 17.62 2.17 29.31
N ASN B 157 17.44 2.06 27.99
CA ASN B 157 17.18 3.25 27.17
C ASN B 157 15.84 3.88 27.54
N ALA B 158 14.82 3.05 27.77
CA ALA B 158 13.52 3.59 28.14
C ALA B 158 13.57 4.30 29.48
N CYS B 159 14.41 3.84 30.41
CA CYS B 159 14.55 4.52 31.68
C CYS B 159 15.11 5.92 31.51
N ILE B 160 16.08 6.09 30.61
N ILE B 160 16.08 6.09 30.60
CA ILE B 160 16.64 7.41 30.34
CA ILE B 160 16.63 7.43 30.36
C ILE B 160 15.59 8.30 29.70
C ILE B 160 15.60 8.31 29.69
N ALA B 161 14.88 7.78 28.69
CA ALA B 161 13.87 8.56 28.00
C ALA B 161 12.75 8.99 28.93
N ALA B 162 12.43 8.18 29.94
CA ALA B 162 11.41 8.55 30.92
C ALA B 162 11.79 9.77 31.74
N GLY B 163 13.06 10.20 31.71
CA GLY B 163 13.45 11.46 32.31
C GLY B 163 12.93 12.69 31.60
N ARG B 164 12.23 12.52 30.49
CA ARG B 164 11.51 13.55 29.75
C ARG B 164 12.42 14.58 29.08
N VAL B 165 13.71 14.30 28.93
CA VAL B 165 14.64 15.19 28.24
C VAL B 165 15.05 14.62 26.88
N LEU B 166 15.58 13.41 26.85
CA LEU B 166 16.00 12.75 25.62
C LEU B 166 14.86 11.87 25.09
N PRO B 167 14.53 11.94 23.80
CA PRO B 167 13.54 11.02 23.25
C PRO B 167 14.11 9.61 23.17
N SER B 168 13.22 8.63 23.20
CA SER B 168 13.65 7.23 23.20
C SER B 168 14.44 6.86 21.95
N CYS B 169 14.18 7.53 20.83
CA CYS B 169 14.93 7.28 19.60
C CYS B 169 15.27 8.60 18.93
N GLN B 170 16.41 8.63 18.22
CA GLN B 170 16.74 9.84 17.46
C GLN B 170 15.75 10.07 16.33
N ASP B 171 15.19 9.00 15.77
CA ASP B 171 14.15 9.13 14.74
C ASP B 171 12.83 9.38 15.45
N THR B 172 12.51 10.66 15.68
CA THR B 172 11.27 11.01 16.34
C THR B 172 10.06 10.91 15.40
N GLY B 173 10.28 10.45 14.18
CA GLY B 173 9.24 9.87 13.36
C GLY B 173 8.46 10.89 12.56
N THR B 174 7.57 10.35 11.73
CA THR B 174 6.51 11.12 11.09
C THR B 174 5.34 11.23 12.06
N ALA B 175 4.75 12.42 12.16
CA ALA B 175 3.56 12.63 12.98
C ALA B 175 2.33 12.19 12.20
N ILE B 176 1.62 11.19 12.71
CA ILE B 176 0.41 10.65 12.09
C ILE B 176 -0.75 10.83 13.05
N VAL B 177 -1.87 11.34 12.53
CA VAL B 177 -3.09 11.50 13.32
C VAL B 177 -4.21 10.77 12.60
N LEU B 178 -4.79 9.78 13.27
CA LEU B 178 -6.09 9.23 12.88
C LEU B 178 -7.11 9.91 13.80
N GLY B 179 -8.00 10.68 13.20
CA GLY B 179 -9.04 11.37 13.96
C GLY B 179 -10.41 10.92 13.49
N LYS B 180 -11.34 10.79 14.43
CA LYS B 180 -12.72 10.39 14.13
C LYS B 180 -13.63 11.44 14.74
N ARG B 181 -14.11 12.37 13.91
CA ARG B 181 -14.93 13.48 14.37
C ARG B 181 -16.40 13.14 14.21
N GLY B 182 -17.14 13.16 15.32
CA GLY B 182 -18.55 12.85 15.26
C GLY B 182 -19.32 13.87 14.43
N GLU B 183 -20.43 13.40 13.87
CA GLU B 183 -21.33 14.26 13.08
C GLU B 183 -21.66 15.55 13.81
N LEU B 184 -21.86 15.47 15.13
CA LEU B 184 -22.26 16.62 15.94
C LEU B 184 -21.14 17.11 16.84
N CYS B 185 -19.90 16.83 16.49
CA CYS B 185 -18.73 17.42 17.15
C CYS B 185 -18.27 18.60 16.30
N TRP B 186 -18.41 19.81 16.84
CA TRP B 186 -18.19 21.03 16.06
C TRP B 186 -16.95 21.77 16.56
N THR B 187 -15.95 21.85 15.68
CA THR B 187 -14.65 22.43 15.96
C THR B 187 -14.42 23.78 15.32
N GLY B 188 -15.30 24.23 14.43
CA GLY B 188 -14.98 25.33 13.54
C GLY B 188 -14.37 24.87 12.22
N GLY B 189 -13.93 23.62 12.13
CA GLY B 189 -13.54 23.03 10.86
C GLY B 189 -12.07 23.18 10.49
N GLU B 190 -11.29 23.94 11.25
CA GLU B 190 -9.87 24.10 10.93
C GLU B 190 -8.99 23.07 11.64
N ASP B 191 -9.49 21.83 11.74
CA ASP B 191 -8.82 20.78 12.52
C ASP B 191 -7.38 20.55 12.08
N GLU B 192 -7.11 20.52 10.78
N GLU B 192 -7.13 20.51 10.76
CA GLU B 192 -5.79 20.23 10.27
CA GLU B 192 -5.78 20.21 10.28
C GLU B 192 -4.78 21.29 10.75
C GLU B 192 -4.79 21.26 10.75
N LYS B 193 -5.16 22.54 10.68
N LYS B 193 -5.16 22.54 10.68
CA LYS B 193 -4.25 23.60 11.08
CA LYS B 193 -4.25 23.60 11.09
C LYS B 193 -3.94 23.54 12.58
C LYS B 193 -3.95 23.54 12.57
N TYR B 194 -4.98 23.35 13.40
CA TYR B 194 -4.77 23.36 14.85
C TYR B 194 -4.03 22.11 15.32
N LEU B 195 -4.32 20.95 14.72
CA LEU B 195 -3.54 19.76 15.02
C LEU B 195 -2.09 19.96 14.61
N SER B 196 -1.85 20.54 13.43
CA SER B 196 -0.49 20.76 12.97
C SER B 196 0.26 21.73 13.87
N LYS B 197 -0.44 22.74 14.40
CA LYS B 197 0.21 23.65 15.33
C LYS B 197 0.66 22.93 16.59
N GLY B 198 -0.16 22.01 17.09
CA GLY B 198 0.23 21.25 18.28
C GLY B 198 1.43 20.36 18.01
N ILE B 199 1.45 19.71 16.83
CA ILE B 199 2.60 18.92 16.41
C ILE B 199 3.82 19.81 16.24
N TRP B 200 3.64 20.97 15.59
CA TRP B 200 4.73 21.94 15.44
C TRP B 200 5.32 22.28 16.80
N ASN B 201 4.44 22.56 17.78
CA ASN B 201 4.89 22.90 19.13
C ASN B 201 5.74 21.79 19.74
N ALA B 202 5.28 20.53 19.61
CA ALA B 202 5.98 19.42 20.22
C ALA B 202 7.39 19.26 19.65
N TYR B 203 7.54 19.36 18.33
CA TYR B 203 8.86 19.15 17.73
C TYR B 203 9.73 20.40 17.84
N ARG B 204 9.13 21.59 17.93
CA ARG B 204 9.94 22.81 18.01
C ARG B 204 10.49 23.04 19.41
N TYR B 205 9.69 22.82 20.45
CA TYR B 205 10.07 23.22 21.80
C TYR B 205 10.60 22.06 22.64
N HIS B 206 10.75 20.89 22.07
CA HIS B 206 11.31 19.75 22.77
C HIS B 206 12.50 19.24 21.97
N ASN B 207 13.26 18.32 22.56
CA ASN B 207 14.51 17.85 21.98
C ASN B 207 14.27 16.70 20.99
N LEU B 208 13.41 16.98 20.02
CA LEU B 208 13.07 16.01 18.99
C LEU B 208 13.90 16.28 17.73
N ARG B 209 13.42 15.83 16.57
CA ARG B 209 14.18 15.94 15.33
C ARG B 209 13.25 16.33 14.18
N TYR B 210 13.76 17.14 13.26
CA TYR B 210 13.03 17.52 12.07
C TYR B 210 13.39 16.53 10.96
N SER B 211 12.46 15.62 10.64
CA SER B 211 12.78 14.51 9.76
C SER B 211 12.12 14.59 8.39
N GLN B 212 11.27 15.58 8.13
CA GLN B 212 10.50 15.59 6.88
C GLN B 212 11.27 16.31 5.78
N THR B 213 11.26 15.73 4.59
CA THR B 213 12.03 16.19 3.45
C THR B 213 11.07 16.65 2.37
N ALA B 214 11.09 17.94 2.07
CA ALA B 214 10.24 18.50 1.03
C ALA B 214 10.91 18.38 -0.33
N ALA B 215 10.11 18.12 -1.35
CA ALA B 215 10.57 18.07 -2.73
C ALA B 215 10.28 19.41 -3.39
N LEU B 216 11.35 20.18 -3.66
CA LEU B 216 11.19 21.44 -4.40
C LEU B 216 10.88 21.17 -5.86
N ASP B 217 11.52 20.17 -6.44
CA ASP B 217 11.07 19.57 -7.70
C ASP B 217 11.23 18.06 -7.53
N MET B 218 11.25 17.32 -8.64
CA MET B 218 11.29 15.85 -8.52
C MET B 218 12.50 15.39 -7.72
N PHE B 219 13.65 16.05 -7.88
CA PHE B 219 14.88 15.59 -7.26
C PHE B 219 15.50 16.55 -6.26
N LYS B 220 15.24 17.86 -6.37
CA LYS B 220 15.81 18.82 -5.42
C LYS B 220 14.99 18.82 -4.12
N GLU B 221 15.66 18.61 -3.00
CA GLU B 221 14.97 18.44 -1.72
C GLU B 221 15.56 19.37 -0.66
N CYS B 222 14.74 19.67 0.34
CA CYS B 222 15.20 20.37 1.53
C CYS B 222 14.41 19.87 2.73
N ASN B 223 15.03 19.95 3.90
CA ASN B 223 14.31 19.65 5.13
C ASN B 223 13.32 20.76 5.43
N THR B 224 12.12 20.40 5.88
CA THR B 224 11.12 21.43 6.20
C THR B 224 11.47 22.19 7.47
N GLY B 225 12.37 21.64 8.29
CA GLY B 225 12.83 22.34 9.47
C GLY B 225 11.87 22.36 10.65
N ASP B 226 10.76 21.61 10.59
CA ASP B 226 9.83 21.62 11.70
C ASP B 226 9.08 20.30 11.87
N ASN B 227 9.48 19.26 11.17
CA ASN B 227 8.78 17.99 11.17
C ASN B 227 7.37 17.99 10.58
N LEU B 228 7.01 19.02 9.85
CA LEU B 228 5.77 19.02 9.09
C LEU B 228 6.08 18.80 7.62
N PRO B 229 5.10 18.34 6.82
CA PRO B 229 3.71 18.05 7.14
C PRO B 229 3.48 16.76 7.92
N ALA B 230 2.37 16.73 8.64
CA ALA B 230 1.88 15.53 9.29
C ALA B 230 0.98 14.75 8.33
N GLN B 231 0.74 13.48 8.67
CA GLN B 231 -0.32 12.71 8.03
C GLN B 231 -1.58 12.86 8.87
N LEU B 232 -2.59 13.52 8.32
CA LEU B 232 -3.82 13.86 9.05
C LEU B 232 -4.99 13.16 8.38
N ASP B 233 -5.42 12.03 8.95
CA ASP B 233 -6.51 11.22 8.42
C ASP B 233 -7.72 11.44 9.33
N LEU B 234 -8.58 12.37 8.94
CA LEU B 234 -9.72 12.78 9.77
C LEU B 234 -10.99 12.20 9.18
N LEU B 235 -11.65 11.33 9.94
CA LEU B 235 -12.81 10.56 9.47
C LEU B 235 -14.10 11.13 10.04
N ALA B 236 -15.18 10.98 9.27
CA ALA B 236 -16.53 11.39 9.71
C ALA B 236 -17.25 10.17 10.27
N VAL B 237 -17.68 10.25 11.53
CA VAL B 237 -18.27 9.11 12.22
C VAL B 237 -19.54 9.57 12.96
N PRO B 238 -20.35 8.66 13.50
CA PRO B 238 -21.52 9.07 14.29
C PRO B 238 -21.13 9.72 15.62
N GLY B 239 -22.09 10.44 16.19
CA GLY B 239 -21.98 10.92 17.55
C GLY B 239 -21.49 12.35 17.66
N SER B 240 -21.02 12.70 18.86
CA SER B 240 -20.59 14.07 19.14
C SER B 240 -19.22 14.15 19.78
N ASP B 241 -18.45 13.06 19.80
CA ASP B 241 -17.12 13.09 20.37
C ASP B 241 -16.07 13.22 19.27
N TYR B 242 -14.81 13.30 19.68
CA TYR B 242 -13.66 13.33 18.78
C TYR B 242 -12.66 12.33 19.32
N GLU B 243 -12.41 11.26 18.57
CA GLU B 243 -11.51 10.20 19.01
C GLU B 243 -10.29 10.13 18.11
N PHE B 244 -9.14 9.76 18.70
CA PHE B 244 -7.86 9.89 18.02
C PHE B 244 -6.97 8.68 18.29
N LEU B 245 -6.14 8.36 17.31
CA LEU B 245 -4.91 7.60 17.52
C LEU B 245 -3.78 8.42 16.96
N PHE B 246 -2.82 8.77 17.81
CA PHE B 246 -1.61 9.48 17.41
C PHE B 246 -0.48 8.47 17.27
N ILE B 247 0.29 8.57 16.19
CA ILE B 247 1.43 7.70 15.97
C ILE B 247 2.64 8.54 15.63
N ALA B 248 3.74 8.31 16.33
CA ALA B 248 5.04 8.84 15.94
C ALA B 248 5.78 7.69 15.28
N LYS B 249 5.75 7.66 13.95
CA LYS B 249 6.17 6.49 13.18
C LYS B 249 7.57 6.68 12.63
N GLY B 250 8.50 5.85 13.07
CA GLY B 250 9.85 5.93 12.56
C GLY B 250 9.92 5.60 11.08
N GLY B 251 10.89 6.20 10.40
CA GLY B 251 11.04 5.94 8.97
C GLY B 251 11.44 4.51 8.68
N GLY B 252 12.29 3.93 9.53
CA GLY B 252 12.76 2.58 9.28
C GLY B 252 11.68 1.52 9.42
N SER B 253 10.83 1.65 10.45
CA SER B 253 9.72 0.72 10.59
C SER B 253 8.63 1.00 9.56
N ALA B 254 8.47 2.27 9.17
CA ALA B 254 7.55 2.59 8.07
C ALA B 254 8.00 1.92 6.78
N ASN B 255 9.31 1.81 6.57
CA ASN B 255 9.84 1.17 5.37
C ASN B 255 9.58 -0.32 5.34
N LYS B 256 9.32 -0.91 6.49
N LYS B 256 9.27 -0.93 6.47
CA LYS B 256 8.97 -2.32 6.60
CA LYS B 256 9.03 -2.36 6.53
C LYS B 256 7.46 -2.48 6.70
C LYS B 256 7.56 -2.72 6.27
N ALA B 257 6.75 -1.76 5.84
CA ALA B 257 5.35 -2.02 5.51
C ALA B 257 5.31 -2.49 4.07
N TYR B 258 4.94 -3.74 3.84
CA TYR B 258 5.05 -4.37 2.54
C TYR B 258 3.67 -4.79 2.04
N LEU B 259 3.45 -4.63 0.73
CA LEU B 259 2.23 -5.04 0.07
C LEU B 259 2.53 -6.14 -0.94
N TYR B 260 1.78 -7.24 -0.88
CA TYR B 260 1.91 -8.33 -1.83
C TYR B 260 0.59 -8.53 -2.56
N GLN B 261 0.65 -8.79 -3.86
CA GLN B 261 -0.54 -9.06 -4.66
C GLN B 261 -0.58 -10.56 -4.92
N GLU B 262 -1.42 -11.27 -4.18
CA GLU B 262 -1.45 -12.72 -4.19
C GLU B 262 -2.75 -13.22 -4.82
N THR B 263 -3.00 -14.52 -4.73
CA THR B 263 -4.16 -15.14 -5.37
C THR B 263 -4.74 -16.20 -4.45
N LYS B 264 -5.87 -16.76 -4.89
CA LYS B 264 -6.51 -17.89 -4.21
C LYS B 264 -5.54 -19.05 -4.00
N ALA B 265 -4.53 -19.19 -4.86
CA ALA B 265 -3.58 -20.28 -4.69
C ALA B 265 -2.83 -20.19 -3.37
N LEU B 266 -2.78 -19.01 -2.74
CA LEU B 266 -2.15 -18.85 -1.44
C LEU B 266 -3.03 -19.35 -0.29
N LEU B 267 -4.34 -19.43 -0.49
CA LEU B 267 -5.28 -19.58 0.62
C LEU B 267 -5.50 -21.05 0.96
N ASN B 268 -4.43 -21.69 1.42
CA ASN B 268 -4.48 -23.01 2.03
C ASN B 268 -3.38 -23.07 3.07
N PRO B 269 -3.51 -23.98 4.05
CA PRO B 269 -2.56 -23.95 5.18
C PRO B 269 -1.11 -24.11 4.79
N LYS B 270 -0.79 -25.01 3.84
CA LYS B 270 0.59 -25.23 3.47
C LYS B 270 1.19 -24.01 2.78
N SER B 271 0.47 -23.46 1.78
CA SER B 271 1.00 -22.32 1.04
C SER B 271 1.12 -21.09 1.94
N LEU B 272 0.14 -20.86 2.82
CA LEU B 272 0.18 -19.68 3.67
C LEU B 272 1.32 -19.76 4.68
N ARG B 273 1.56 -20.93 5.26
CA ARG B 273 2.65 -21.06 6.21
C ARG B 273 4.01 -20.84 5.55
N ALA B 274 4.21 -21.40 4.36
CA ALA B 274 5.47 -21.17 3.63
C ALA B 274 5.62 -19.69 3.27
N PHE B 275 4.51 -19.05 2.89
CA PHE B 275 4.55 -17.61 2.58
C PHE B 275 5.00 -16.82 3.80
N ILE B 276 4.47 -17.15 4.97
CA ILE B 276 4.83 -16.40 6.18
C ILE B 276 6.30 -16.56 6.52
N GLU B 277 6.81 -17.80 6.43
CA GLU B 277 8.23 -18.03 6.67
C GLU B 277 9.10 -17.21 5.73
N GLU B 278 8.71 -17.15 4.46
CA GLU B 278 9.51 -16.43 3.47
C GLU B 278 9.49 -14.92 3.72
N LYS B 279 8.32 -14.35 3.99
CA LYS B 279 8.23 -12.89 4.07
C LYS B 279 8.81 -12.35 5.38
N LEU B 280 8.69 -13.09 6.48
N LEU B 280 8.70 -13.09 6.48
CA LEU B 280 9.23 -12.61 7.75
CA LEU B 280 9.23 -12.61 7.75
C LEU B 280 10.73 -12.38 7.66
C LEU B 280 10.74 -12.39 7.68
N LYS B 281 11.44 -13.26 6.94
CA LYS B 281 12.89 -13.10 6.79
C LYS B 281 13.24 -11.82 6.06
N THR B 282 12.39 -11.37 5.13
CA THR B 282 12.68 -10.14 4.39
C THR B 282 12.55 -8.90 5.27
N LEU B 283 11.87 -9.02 6.42
CA LEU B 283 11.90 -7.92 7.39
C LEU B 283 13.32 -7.73 7.93
N GLY B 284 14.08 -8.81 8.08
CA GLY B 284 15.42 -8.76 8.62
C GLY B 284 15.44 -8.09 9.98
N THR B 285 16.59 -7.49 10.31
CA THR B 285 16.75 -6.75 11.55
C THR B 285 16.78 -5.24 11.31
N ALA B 286 16.35 -4.80 10.13
CA ALA B 286 16.52 -3.43 9.70
C ALA B 286 15.61 -2.44 10.41
N ALA B 287 14.60 -2.90 11.14
CA ALA B 287 13.69 -2.01 11.84
C ALA B 287 13.70 -2.25 13.35
N CYS B 288 14.88 -2.56 13.91
CA CYS B 288 15.11 -2.66 15.35
C CYS B 288 14.12 -3.59 16.05
N PRO B 289 14.14 -4.89 15.78
CA PRO B 289 13.30 -5.83 16.53
C PRO B 289 13.74 -5.92 17.98
N PRO B 290 12.95 -6.56 18.86
CA PRO B 290 11.68 -7.29 18.71
C PRO B 290 10.55 -6.51 18.06
N TYR B 291 9.89 -7.15 17.11
CA TYR B 291 8.79 -6.54 16.37
C TYR B 291 7.44 -6.86 17.01
N HIS B 292 6.51 -5.92 16.91
CA HIS B 292 5.10 -6.25 16.85
C HIS B 292 4.79 -6.51 15.38
N ILE B 293 4.49 -7.76 15.03
CA ILE B 293 4.29 -8.14 13.63
C ILE B 293 2.81 -8.15 13.33
N ALA B 294 2.41 -7.43 12.28
CA ALA B 294 1.04 -7.42 11.83
C ALA B 294 0.97 -7.99 10.41
N LEU B 295 -0.02 -8.85 10.18
CA LEU B 295 -0.24 -9.49 8.89
C LEU B 295 -1.71 -9.38 8.55
N VAL B 296 -2.03 -8.88 7.36
CA VAL B 296 -3.41 -8.70 6.90
C VAL B 296 -3.58 -9.47 5.60
N ILE B 297 -4.52 -10.41 5.60
N ILE B 297 -4.53 -10.41 5.59
CA ILE B 297 -4.83 -11.26 4.45
CA ILE B 297 -4.80 -11.25 4.43
C ILE B 297 -6.15 -10.79 3.86
C ILE B 297 -6.13 -10.82 3.85
N GLY B 298 -6.11 -10.29 2.63
CA GLY B 298 -7.30 -9.78 1.98
C GLY B 298 -7.41 -8.28 2.11
N GLY B 299 -8.56 -7.77 1.69
CA GLY B 299 -8.84 -6.35 1.73
C GLY B 299 -9.56 -5.90 0.48
N THR B 300 -10.23 -4.75 0.58
CA THR B 300 -11.02 -4.23 -0.53
C THR B 300 -10.18 -3.41 -1.51
N SER B 301 -8.96 -3.08 -1.15
CA SER B 301 -8.01 -2.39 -2.03
C SER B 301 -6.65 -2.45 -1.36
N ALA B 302 -5.60 -2.18 -2.15
CA ALA B 302 -4.25 -2.16 -1.60
C ALA B 302 -4.14 -1.17 -0.45
N GLU B 303 -4.66 0.04 -0.65
CA GLU B 303 -4.52 1.06 0.38
C GLU B 303 -5.30 0.68 1.64
N MET B 304 -6.43 0.00 1.47
CA MET B 304 -7.19 -0.42 2.65
C MET B 304 -6.45 -1.53 3.39
N THR B 305 -5.86 -2.48 2.65
CA THR B 305 -5.02 -3.50 3.28
C THR B 305 -3.87 -2.87 4.04
N MET B 306 -3.20 -1.87 3.46
CA MET B 306 -2.04 -1.29 4.12
C MET B 306 -2.44 -0.43 5.32
N LYS B 307 -3.57 0.28 5.23
N LYS B 307 -3.57 0.28 5.24
CA LYS B 307 -4.06 0.99 6.40
CA LYS B 307 -4.03 1.00 6.42
C LYS B 307 -4.36 0.02 7.52
C LYS B 307 -4.42 0.04 7.54
N THR B 308 -4.98 -1.12 7.19
CA THR B 308 -5.38 -2.08 8.22
C THR B 308 -4.16 -2.67 8.92
N VAL B 309 -3.11 -3.01 8.16
CA VAL B 309 -1.93 -3.62 8.77
C VAL B 309 -1.20 -2.60 9.65
N LYS B 310 -1.19 -1.33 9.27
CA LYS B 310 -0.64 -0.29 10.13
C LYS B 310 -1.38 -0.26 11.47
N LEU B 311 -2.71 -0.19 11.42
CA LEU B 311 -3.50 -0.09 12.63
C LEU B 311 -3.40 -1.37 13.46
N ALA B 312 -3.31 -2.52 12.79
CA ALA B 312 -3.12 -3.78 13.51
C ALA B 312 -1.83 -3.75 14.31
N SER B 313 -0.75 -3.23 13.71
CA SER B 313 0.54 -3.19 14.39
C SER B 313 0.51 -2.27 15.60
N CYS B 314 -0.40 -1.29 15.63
CA CYS B 314 -0.62 -0.43 16.78
C CYS B 314 -1.60 -1.03 17.78
N ARG B 315 -2.03 -2.28 17.57
CA ARG B 315 -3.01 -2.96 18.42
C ARG B 315 -4.34 -2.22 18.47
N TYR B 316 -4.63 -1.45 17.42
CA TYR B 316 -5.88 -0.69 17.33
C TYR B 316 -7.09 -1.61 17.11
N TYR B 317 -6.88 -2.78 16.50
CA TYR B 317 -7.95 -3.70 16.16
C TYR B 317 -8.00 -4.91 17.08
N ASP B 318 -7.47 -4.80 18.29
CA ASP B 318 -7.36 -5.99 19.15
C ASP B 318 -8.72 -6.57 19.51
N SER B 319 -9.78 -5.76 19.53
CA SER B 319 -11.09 -6.24 19.99
C SER B 319 -11.99 -6.69 18.84
N LEU B 320 -11.45 -6.89 17.64
CA LEU B 320 -12.23 -7.43 16.54
C LEU B 320 -12.78 -8.81 16.90
N PRO B 321 -13.84 -9.25 16.22
CA PRO B 321 -14.26 -10.65 16.35
C PRO B 321 -13.14 -11.58 15.93
N THR B 322 -13.26 -12.86 16.31
CA THR B 322 -12.28 -13.86 15.93
C THR B 322 -12.87 -14.90 14.98
N THR B 323 -14.08 -14.67 14.47
CA THR B 323 -14.68 -15.52 13.46
C THR B 323 -15.27 -14.66 12.36
N GLY B 324 -15.26 -15.18 11.13
CA GLY B 324 -15.89 -14.51 10.01
C GLY B 324 -17.36 -14.88 9.90
N ASP B 325 -18.03 -14.28 8.91
CA ASP B 325 -19.41 -14.65 8.62
C ASP B 325 -19.69 -14.43 7.14
N LYS B 326 -20.93 -14.74 6.73
CA LYS B 326 -21.29 -14.68 5.33
C LYS B 326 -21.40 -13.26 4.81
N TYR B 327 -21.31 -12.26 5.68
CA TYR B 327 -21.31 -10.87 5.27
C TYR B 327 -19.92 -10.30 5.08
N GLY B 328 -18.88 -11.09 5.36
CA GLY B 328 -17.52 -10.68 5.07
C GLY B 328 -16.86 -9.81 6.12
N ARG B 329 -17.30 -9.86 7.38
CA ARG B 329 -16.70 -9.01 8.40
C ARG B 329 -15.25 -9.40 8.64
N ALA B 330 -14.44 -8.40 8.99
CA ALA B 330 -13.06 -8.62 9.39
C ALA B 330 -13.00 -9.41 10.70
N PHE B 331 -11.95 -10.21 10.85
CA PHE B 331 -11.74 -10.88 12.13
C PHE B 331 -10.26 -11.07 12.38
N ARG B 332 -9.90 -11.04 13.66
CA ARG B 332 -8.58 -11.47 14.13
C ARG B 332 -8.52 -12.98 14.13
N ASP B 333 -7.36 -13.54 13.78
CA ASP B 333 -7.19 -14.99 13.71
C ASP B 333 -6.12 -15.42 14.72
N PRO B 334 -6.52 -15.75 15.95
CA PRO B 334 -5.51 -16.14 16.96
C PRO B 334 -4.72 -17.39 16.61
N GLU B 335 -5.30 -18.32 15.86
CA GLU B 335 -4.55 -19.52 15.48
C GLU B 335 -3.36 -19.15 14.60
N TRP B 336 -3.57 -18.27 13.63
CA TRP B 336 -2.48 -17.87 12.75
C TRP B 336 -1.58 -16.81 13.38
N GLU B 337 -2.05 -16.09 14.39
CA GLU B 337 -1.14 -15.28 15.19
C GLU B 337 -0.11 -16.17 15.89
N LYS B 338 -0.56 -17.32 16.41
CA LYS B 338 0.35 -18.26 17.04
C LYS B 338 1.34 -18.84 16.03
N ILE B 339 0.87 -19.12 14.82
CA ILE B 339 1.74 -19.65 13.79
C ILE B 339 2.80 -18.60 13.39
N VAL B 340 2.41 -17.34 13.29
CA VAL B 340 3.38 -16.28 13.01
C VAL B 340 4.43 -16.22 14.11
N MET B 341 3.99 -16.29 15.37
CA MET B 341 4.92 -16.25 16.50
C MET B 341 5.86 -17.47 16.48
N GLU B 342 5.32 -18.64 16.12
CA GLU B 342 6.17 -19.83 16.04
C GLU B 342 7.22 -19.66 14.94
N VAL B 343 6.82 -19.16 13.78
CA VAL B 343 7.77 -18.90 12.70
C VAL B 343 8.84 -17.91 13.16
N ALA B 344 8.42 -16.84 13.84
CA ALA B 344 9.36 -15.81 14.28
C ALA B 344 10.37 -16.38 15.27
N GLN B 345 9.91 -17.23 16.18
CA GLN B 345 10.81 -17.81 17.18
C GLN B 345 11.74 -18.84 16.54
N LYS B 346 11.18 -19.73 15.72
CA LYS B 346 11.98 -20.78 15.09
C LYS B 346 12.95 -20.24 14.05
N SER B 347 12.80 -18.99 13.61
CA SER B 347 13.69 -18.42 12.61
C SER B 347 15.11 -18.27 13.11
N GLY B 348 15.31 -18.16 14.42
CA GLY B 348 16.61 -17.90 14.98
C GLY B 348 17.13 -16.48 14.82
N ILE B 349 16.35 -15.60 14.19
CA ILE B 349 16.82 -14.23 13.96
C ILE B 349 17.02 -13.50 15.27
N GLY B 350 16.08 -13.64 16.20
CA GLY B 350 16.24 -13.09 17.53
C GLY B 350 16.06 -11.58 17.60
N ALA B 351 16.33 -11.06 18.79
CA ALA B 351 16.29 -9.61 19.03
C ALA B 351 17.56 -8.97 18.47
N GLN B 352 17.61 -8.90 17.14
CA GLN B 352 18.63 -8.18 16.35
C GLN B 352 19.89 -9.00 16.07
N PHE B 353 20.30 -9.89 16.98
CA PHE B 353 21.60 -10.54 16.80
C PHE B 353 21.52 -12.03 17.11
N GLY B 354 20.44 -12.69 16.69
CA GLY B 354 20.36 -14.13 16.83
C GLY B 354 19.68 -14.58 18.11
N GLY B 355 18.69 -15.45 17.99
CA GLY B 355 18.00 -15.95 19.17
C GLY B 355 16.51 -16.19 18.96
N LYS B 356 15.73 -16.02 20.01
CA LYS B 356 14.31 -16.36 20.01
C LYS B 356 13.38 -15.15 19.85
N TYR B 357 13.84 -13.95 20.18
CA TYR B 357 12.92 -12.82 20.33
C TYR B 357 12.94 -11.87 19.14
N PHE B 358 12.77 -12.47 17.97
CA PHE B 358 12.46 -11.70 16.76
C PHE B 358 11.18 -10.87 16.92
N ALA B 359 10.21 -11.37 17.69
CA ALA B 359 8.90 -10.73 17.78
C ALA B 359 8.40 -10.66 19.22
N HIS B 360 7.81 -9.50 19.58
CA HIS B 360 7.05 -9.35 20.82
C HIS B 360 5.75 -10.15 20.76
N GLN B 361 5.00 -9.98 19.69
CA GLN B 361 3.66 -10.52 19.56
C GLN B 361 3.25 -10.34 18.09
N ALA B 362 2.14 -10.97 17.72
CA ALA B 362 1.67 -10.95 16.35
C ALA B 362 0.19 -10.61 16.31
N ARG B 363 -0.22 -9.95 15.24
CA ARG B 363 -1.62 -9.66 14.95
C ARG B 363 -1.92 -10.10 13.53
N VAL B 364 -2.96 -10.91 13.35
CA VAL B 364 -3.37 -11.38 12.04
C VAL B 364 -4.84 -11.05 11.85
N ILE B 365 -5.15 -10.30 10.80
CA ILE B 365 -6.52 -9.92 10.49
C ILE B 365 -6.85 -10.46 9.11
N ARG B 366 -7.99 -11.14 8.99
CA ARG B 366 -8.47 -11.65 7.72
C ARG B 366 -9.58 -10.73 7.23
N LEU B 367 -9.48 -10.31 5.97
CA LEU B 367 -10.40 -9.35 5.37
C LEU B 367 -11.14 -9.97 4.19
N PRO B 368 -12.29 -9.42 3.83
CA PRO B 368 -12.95 -9.83 2.59
C PRO B 368 -12.13 -9.43 1.36
N ARG B 369 -12.47 -10.04 0.23
CA ARG B 369 -11.72 -9.76 -0.99
C ARG B 369 -12.61 -9.94 -2.21
N HIS B 370 -12.34 -9.15 -3.24
CA HIS B 370 -12.84 -9.44 -4.58
C HIS B 370 -12.36 -10.82 -5.01
N GLY B 371 -13.24 -11.56 -5.70
CA GLY B 371 -12.88 -12.91 -6.12
C GLY B 371 -11.58 -12.99 -6.90
N ALA B 372 -11.28 -11.95 -7.68
CA ALA B 372 -10.07 -11.92 -8.50
C ALA B 372 -8.83 -11.44 -7.75
N SER B 373 -8.96 -11.03 -6.48
CA SER B 373 -7.91 -10.29 -5.79
C SER B 373 -7.55 -10.94 -4.46
N CYS B 374 -6.31 -10.77 -4.04
CA CYS B 374 -5.90 -11.11 -2.67
C CYS B 374 -4.71 -10.27 -2.25
N PRO B 375 -4.95 -9.00 -1.93
CA PRO B 375 -3.87 -8.19 -1.36
C PRO B 375 -3.48 -8.72 0.01
N VAL B 376 -2.20 -8.62 0.32
CA VAL B 376 -1.67 -9.05 1.62
C VAL B 376 -0.74 -7.97 2.13
N GLY B 377 -0.89 -7.60 3.40
CA GLY B 377 -0.06 -6.58 4.03
C GLY B 377 0.74 -7.15 5.17
N LEU B 378 2.01 -6.74 5.26
CA LEU B 378 2.90 -7.11 6.34
C LEU B 378 3.61 -5.87 6.85
N ALA B 379 3.57 -5.65 8.16
CA ALA B 379 4.19 -4.47 8.72
C ALA B 379 4.58 -4.74 10.17
N VAL B 380 5.46 -3.90 10.71
CA VAL B 380 5.94 -4.05 12.08
C VAL B 380 5.80 -2.73 12.82
N SER B 381 5.70 -2.84 14.14
CA SER B 381 6.04 -1.76 15.04
C SER B 381 7.39 -2.09 15.67
N CYS B 382 8.28 -1.11 15.72
CA CYS B 382 9.68 -1.31 16.08
C CYS B 382 9.89 -1.07 17.58
N SER B 383 11.16 -1.02 17.99
CA SER B 383 11.51 -0.77 19.38
C SER B 383 11.00 0.59 19.84
N ALA B 384 10.93 1.57 18.93
CA ALA B 384 10.29 2.86 19.21
C ALA B 384 8.80 2.75 18.90
N ASP B 385 8.14 1.93 19.71
CA ASP B 385 6.71 1.62 19.58
C ASP B 385 5.94 2.79 20.18
N ARG B 386 5.45 3.69 19.32
CA ARG B 386 4.98 5.00 19.75
C ARG B 386 3.59 5.30 19.19
N GLN B 387 2.56 5.00 19.98
CA GLN B 387 1.21 5.41 19.66
C GLN B 387 0.50 5.79 20.94
N ILE B 388 -0.47 6.70 20.81
N ILE B 388 -0.48 6.68 20.82
CA ILE B 388 -1.23 7.21 21.94
CA ILE B 388 -1.21 7.12 22.00
C ILE B 388 -2.68 7.38 21.51
C ILE B 388 -2.65 7.46 21.62
N LEU B 389 -3.60 6.78 22.25
CA LEU B 389 -5.02 7.01 22.02
C LEU B 389 -5.48 8.24 22.80
N ALA B 390 -6.53 8.89 22.31
CA ALA B 390 -7.05 10.07 22.96
C ALA B 390 -8.49 10.30 22.53
N HIS B 391 -9.21 11.07 23.34
CA HIS B 391 -10.54 11.48 22.92
C HIS B 391 -10.92 12.77 23.61
N ILE B 392 -11.79 13.53 22.94
CA ILE B 392 -12.38 14.74 23.49
C ILE B 392 -13.86 14.50 23.63
N ASN B 393 -14.40 14.75 24.82
CA ASN B 393 -15.83 14.58 25.04
C ASN B 393 -16.31 15.73 25.92
N LYS B 394 -17.55 15.63 26.41
CA LYS B 394 -18.13 16.73 27.19
C LYS B 394 -17.38 17.01 28.48
N SER B 395 -16.50 16.10 28.92
CA SER B 395 -15.74 16.31 30.15
C SER B 395 -14.34 16.88 29.91
N GLY B 396 -13.88 16.95 28.65
CA GLY B 396 -12.58 17.52 28.35
C GLY B 396 -11.70 16.65 27.47
N ILE B 397 -10.39 16.78 27.62
CA ILE B 397 -9.41 16.08 26.80
C ILE B 397 -8.82 14.92 27.58
N TYR B 398 -8.90 13.71 27.03
CA TYR B 398 -8.38 12.51 27.67
C TYR B 398 -7.28 11.93 26.79
N ILE B 399 -6.17 11.53 27.43
N ILE B 399 -6.17 11.54 27.43
CA ILE B 399 -5.01 11.01 26.72
CA ILE B 399 -5.03 11.00 26.70
C ILE B 399 -4.56 9.71 27.37
C ILE B 399 -4.59 9.70 27.36
N GLU B 400 -4.26 8.72 26.54
CA GLU B 400 -3.84 7.42 27.03
C GLU B 400 -2.66 7.57 27.99
N GLN B 401 -2.73 6.86 29.11
CA GLN B 401 -1.69 6.89 30.12
C GLN B 401 -0.66 5.82 29.80
N LEU B 402 0.58 6.23 29.56
CA LEU B 402 1.67 5.30 29.29
C LEU B 402 2.43 4.98 30.58
N GLU B 403 3.37 4.04 30.49
CA GLU B 403 4.08 3.58 31.69
C GLU B 403 5.18 4.56 32.04
N GLN B 404 5.02 5.27 33.15
CA GLN B 404 5.98 6.30 33.55
C GLN B 404 7.14 5.77 34.38
N ASN B 405 7.11 4.51 34.79
CA ASN B 405 8.21 3.89 35.53
C ASN B 405 8.63 2.61 34.84
N PRO B 406 9.32 2.71 33.70
CA PRO B 406 9.78 1.49 33.01
C PRO B 406 10.76 0.68 33.81
N ALA B 407 11.40 1.27 34.83
CA ALA B 407 12.42 0.54 35.59
C ALA B 407 11.88 -0.70 36.29
N GLN B 408 10.57 -0.75 36.55
N GLN B 408 10.58 -0.75 36.58
CA GLN B 408 9.98 -1.91 37.22
CA GLN B 408 10.02 -1.95 37.21
C GLN B 408 9.99 -3.16 36.36
C GLN B 408 10.27 -3.19 36.37
N TYR B 409 10.27 -3.04 35.05
CA TYR B 409 10.36 -4.18 34.16
C TYR B 409 11.76 -4.75 34.06
N LEU B 410 12.77 -4.06 34.59
CA LEU B 410 14.12 -4.63 34.64
C LEU B 410 14.21 -5.58 35.83
N PRO B 411 14.65 -6.83 35.61
CA PRO B 411 14.74 -7.80 36.72
C PRO B 411 16.04 -7.65 37.54
N THR B 421 32.01 -10.99 27.60
CA THR B 421 32.94 -9.88 27.51
C THR B 421 32.89 -9.21 26.14
N SER B 422 33.81 -8.28 25.89
CA SER B 422 33.86 -7.55 24.64
C SER B 422 35.28 -7.08 24.39
N VAL B 423 35.58 -6.78 23.13
CA VAL B 423 36.91 -6.35 22.71
C VAL B 423 36.93 -4.82 22.65
N LYS B 424 37.90 -4.23 23.35
N LYS B 424 37.91 -4.22 23.33
CA LYS B 424 38.09 -2.78 23.29
CA LYS B 424 38.07 -2.78 23.30
C LYS B 424 38.79 -2.42 21.98
C LYS B 424 38.81 -2.39 22.01
N VAL B 425 38.19 -1.52 21.22
CA VAL B 425 38.71 -1.10 19.93
C VAL B 425 39.03 0.39 20.01
N ASP B 426 40.32 0.71 19.95
CA ASP B 426 40.80 2.09 19.99
C ASP B 426 40.75 2.66 18.58
N LEU B 427 39.86 3.63 18.35
CA LEU B 427 39.74 4.28 17.06
C LEU B 427 40.74 5.42 16.88
N LYS B 428 41.43 5.84 17.94
CA LYS B 428 42.39 6.94 17.85
C LYS B 428 43.71 6.46 17.28
N ARG B 429 43.64 5.70 16.19
CA ARG B 429 44.78 5.14 15.48
C ARG B 429 44.57 5.36 14.00
N PRO B 430 45.60 5.16 13.18
CA PRO B 430 45.38 5.07 11.73
C PRO B 430 44.33 4.01 11.43
N ILE B 431 43.45 4.31 10.46
CA ILE B 431 42.34 3.41 10.16
C ILE B 431 42.84 2.03 9.78
N ASP B 432 44.03 1.94 9.18
CA ASP B 432 44.53 0.62 8.79
C ASP B 432 44.89 -0.22 10.01
N LYS B 433 45.28 0.44 11.11
CA LYS B 433 45.50 -0.30 12.36
C LYS B 433 44.19 -0.80 12.95
N VAL B 434 43.12 0.00 12.85
CA VAL B 434 41.82 -0.47 13.31
C VAL B 434 41.36 -1.65 12.48
N ARG B 435 41.52 -1.57 11.16
CA ARG B 435 41.16 -2.68 10.28
C ARG B 435 41.93 -3.94 10.65
N GLN B 436 43.23 -3.78 10.95
CA GLN B 436 44.04 -4.94 11.31
C GLN B 436 43.53 -5.58 12.59
N GLN B 437 43.19 -4.77 13.59
CA GLN B 437 42.66 -5.32 14.83
C GLN B 437 41.36 -6.07 14.58
N LEU B 438 40.43 -5.45 13.85
CA LEU B 438 39.15 -6.09 13.57
C LEU B 438 39.32 -7.39 12.80
N SER B 439 40.36 -7.48 11.97
CA SER B 439 40.58 -8.67 11.16
C SER B 439 40.84 -9.91 12.01
N GLN B 440 41.20 -9.73 13.28
CA GLN B 440 41.57 -10.84 14.14
C GLN B 440 40.38 -11.56 14.75
N TYR B 441 39.15 -11.10 14.51
CA TYR B 441 37.97 -11.60 15.19
C TYR B 441 36.90 -12.05 14.19
N PRO B 442 36.13 -13.07 14.53
CA PRO B 442 35.03 -13.51 13.65
C PRO B 442 33.81 -12.63 13.80
N VAL B 443 32.89 -12.78 12.84
CA VAL B 443 31.62 -12.09 12.93
C VAL B 443 30.88 -12.60 14.16
N GLY B 444 30.07 -11.72 14.77
CA GLY B 444 29.44 -12.02 16.04
C GLY B 444 30.21 -11.55 17.26
N THR B 445 31.47 -11.18 17.11
CA THR B 445 32.25 -10.64 18.22
C THR B 445 31.69 -9.29 18.67
N ARG B 446 31.53 -9.11 19.97
CA ARG B 446 31.07 -7.83 20.48
C ARG B 446 32.27 -6.93 20.73
N VAL B 447 32.19 -5.69 20.23
CA VAL B 447 33.28 -4.73 20.35
C VAL B 447 32.79 -3.50 21.08
N MET B 448 33.74 -2.74 21.64
CA MET B 448 33.46 -1.46 22.29
C MET B 448 34.38 -0.42 21.67
N LEU B 449 33.80 0.58 21.02
CA LEU B 449 34.54 1.57 20.26
C LEU B 449 34.84 2.81 21.11
N ASN B 450 36.05 3.34 20.96
CA ASN B 450 36.49 4.53 21.69
C ASN B 450 37.26 5.42 20.73
N GLY B 451 36.70 6.59 20.43
CA GLY B 451 37.37 7.53 19.56
C GLY B 451 36.44 8.28 18.62
N THR B 452 36.96 8.67 17.46
CA THR B 452 36.24 9.53 16.53
C THR B 452 35.43 8.71 15.54
N LEU B 453 34.19 9.14 15.31
CA LEU B 453 33.35 8.62 14.24
C LEU B 453 32.97 9.77 13.32
N ILE B 454 32.95 9.51 12.02
CA ILE B 454 32.39 10.43 11.04
C ILE B 454 30.98 9.96 10.71
N VAL B 455 30.01 10.86 10.78
CA VAL B 455 28.60 10.52 10.68
C VAL B 455 28.06 10.98 9.33
N ALA B 456 27.44 10.06 8.59
CA ALA B 456 26.88 10.40 7.28
C ALA B 456 25.80 9.39 6.91
N ARG B 457 24.70 9.89 6.34
CA ARG B 457 23.67 8.97 5.89
C ARG B 457 23.26 9.26 4.44
N ASP B 458 21.94 9.20 4.15
CA ASP B 458 21.48 9.01 2.78
C ASP B 458 21.91 10.15 1.86
N ILE B 459 21.56 11.39 2.22
CA ILE B 459 21.78 12.48 1.29
C ILE B 459 23.27 12.78 1.16
N ALA B 460 24.02 12.69 2.26
CA ALA B 460 25.46 12.94 2.20
C ALA B 460 26.16 11.93 1.30
N HIS B 461 25.81 10.64 1.43
CA HIS B 461 26.37 9.63 0.53
C HIS B 461 26.05 9.96 -0.91
N ALA B 462 24.80 10.36 -1.19
CA ALA B 462 24.41 10.70 -2.55
C ALA B 462 25.20 11.90 -3.09
N LYS B 463 25.39 12.92 -2.25
CA LYS B 463 26.16 14.09 -2.69
C LYS B 463 27.62 13.73 -2.93
N ILE B 464 28.17 12.84 -2.10
CA ILE B 464 29.56 12.46 -2.28
C ILE B 464 29.73 11.60 -3.53
N LYS B 465 28.80 10.70 -3.81
CA LYS B 465 28.86 9.94 -5.06
C LYS B 465 28.82 10.87 -6.26
N GLU B 466 27.94 11.88 -6.20
CA GLU B 466 27.86 12.86 -7.29
C GLU B 466 29.17 13.62 -7.45
N MET B 467 29.82 14.00 -6.34
CA MET B 467 31.10 14.68 -6.43
C MET B 467 32.13 13.81 -7.13
N MET B 468 32.20 12.53 -6.76
N MET B 468 32.21 12.53 -6.76
CA MET B 468 33.16 11.63 -7.38
CA MET B 468 33.17 11.63 -7.39
C MET B 468 32.83 11.41 -8.86
C MET B 468 32.83 11.40 -8.85
N ASP B 469 31.54 11.34 -9.20
CA ASP B 469 31.14 11.20 -10.58
C ASP B 469 31.57 12.41 -11.41
N ASN B 470 31.72 13.56 -10.77
CA ASN B 470 32.22 14.75 -11.45
C ASN B 470 33.74 14.88 -11.36
N GLY B 471 34.44 13.81 -10.98
CA GLY B 471 35.89 13.82 -10.95
C GLY B 471 36.52 14.29 -9.65
N GLU B 472 35.72 14.67 -8.67
CA GLU B 472 36.28 15.14 -7.41
C GLU B 472 36.65 13.95 -6.51
N PRO B 473 37.60 14.13 -5.60
CA PRO B 473 38.01 13.03 -4.74
C PRO B 473 36.95 12.68 -3.70
N LEU B 474 37.02 11.44 -3.24
CA LEU B 474 36.32 11.05 -2.03
C LEU B 474 36.85 11.93 -0.89
N PRO B 475 35.99 12.62 -0.15
CA PRO B 475 36.48 13.55 0.87
C PRO B 475 37.32 12.86 1.93
N GLU B 476 38.27 13.62 2.46
CA GLU B 476 39.19 13.12 3.47
C GLU B 476 38.45 12.56 4.67
N TYR B 477 37.33 13.18 5.05
CA TYR B 477 36.61 12.73 6.24
C TYR B 477 35.90 11.38 6.05
N MET B 478 35.84 10.86 4.82
CA MET B 478 35.33 9.52 4.58
C MET B 478 36.42 8.46 4.67
N LYS B 479 37.67 8.87 4.89
CA LYS B 479 38.81 7.97 4.86
C LYS B 479 39.55 7.84 6.18
N THR B 480 39.25 8.68 7.18
CA THR B 480 40.05 8.72 8.41
C THR B 480 39.48 7.90 9.55
N SER B 481 38.17 7.65 9.56
CA SER B 481 37.50 7.09 10.73
C SER B 481 36.39 6.16 10.26
N PRO B 482 35.89 5.28 11.13
CA PRO B 482 34.68 4.53 10.79
C PRO B 482 33.55 5.49 10.51
N ILE B 483 32.69 5.11 9.56
N ILE B 483 32.67 5.09 9.59
CA ILE B 483 31.52 5.89 9.17
CA ILE B 483 31.53 5.92 9.18
C ILE B 483 30.32 5.39 9.95
C ILE B 483 30.28 5.42 9.91
N TYR B 484 29.73 6.27 10.76
CA TYR B 484 28.53 5.96 11.52
C TYR B 484 27.33 6.51 10.75
N TYR B 485 26.45 5.64 10.28
CA TYR B 485 25.22 6.11 9.64
C TYR B 485 24.26 6.53 10.75
N ALA B 486 23.99 7.84 10.85
CA ALA B 486 23.07 8.34 11.86
C ALA B 486 22.69 9.78 11.56
N GLY B 487 21.58 10.21 12.18
CA GLY B 487 21.12 11.57 12.15
C GLY B 487 20.59 11.98 13.50
N PRO B 488 21.27 12.92 14.17
CA PRO B 488 20.95 13.21 15.57
C PRO B 488 19.67 14.02 15.73
N ALA B 489 19.01 13.80 16.86
CA ALA B 489 17.98 14.71 17.32
C ALA B 489 18.63 15.95 17.95
N LYS B 490 17.82 16.93 18.27
CA LYS B 490 18.34 18.19 18.79
C LYS B 490 18.99 18.00 20.15
N THR B 491 20.03 18.78 20.42
CA THR B 491 20.79 18.64 21.66
C THR B 491 20.10 19.40 22.79
N PRO B 492 19.76 18.74 23.90
CA PRO B 492 19.24 19.48 25.06
C PRO B 492 20.28 20.47 25.58
N GLU B 493 19.78 21.58 26.11
CA GLU B 493 20.66 22.56 26.73
C GLU B 493 21.49 21.89 27.81
N GLY B 494 22.80 22.10 27.76
CA GLY B 494 23.71 21.53 28.73
C GLY B 494 24.08 20.07 28.51
N TYR B 495 23.63 19.48 27.41
CA TYR B 495 23.98 18.11 27.07
C TYR B 495 25.00 18.10 25.95
N ALA B 496 25.83 17.05 25.93
CA ALA B 496 26.81 16.93 24.86
C ALA B 496 26.15 16.54 23.53
N SER B 497 25.02 15.83 23.60
N SER B 497 25.04 15.81 23.59
CA SER B 497 24.40 15.30 22.39
CA SER B 497 24.39 15.39 22.36
C SER B 497 22.92 15.07 22.66
C SER B 497 22.93 15.05 22.65
N GLY B 498 22.13 15.16 21.60
CA GLY B 498 20.77 14.66 21.64
C GLY B 498 20.80 13.18 21.34
N SER B 499 19.61 12.56 21.34
CA SER B 499 19.53 11.15 21.00
C SER B 499 20.16 10.91 19.63
N PHE B 500 20.91 9.82 19.53
CA PHE B 500 21.87 9.67 18.45
C PHE B 500 22.14 8.20 18.15
N GLY B 501 21.08 7.42 17.90
CA GLY B 501 21.22 6.03 17.55
C GLY B 501 21.39 5.83 16.05
N PRO B 502 21.58 4.58 15.63
CA PRO B 502 22.00 4.31 14.25
C PRO B 502 20.87 4.32 13.22
N THR B 503 21.28 4.63 11.99
CA THR B 503 20.46 4.53 10.78
C THR B 503 20.54 3.12 10.20
N THR B 504 19.49 2.72 9.48
CA THR B 504 19.48 1.44 8.78
C THR B 504 20.60 1.37 7.74
N ALA B 505 21.47 0.37 7.89
CA ALA B 505 22.66 0.25 7.04
C ALA B 505 22.31 -0.02 5.59
N GLY B 506 21.25 -0.81 5.35
CA GLY B 506 20.97 -1.29 4.00
C GLY B 506 20.75 -0.21 2.98
N ARG B 507 20.27 0.97 3.42
CA ARG B 507 20.00 2.07 2.49
C ARG B 507 21.28 2.63 1.87
N MET B 508 22.43 2.38 2.47
CA MET B 508 23.71 2.85 1.95
C MET B 508 24.47 1.77 1.18
N ASP B 509 23.87 0.59 0.98
CA ASP B 509 24.59 -0.54 0.41
C ASP B 509 25.18 -0.23 -0.96
N SER B 510 24.47 0.57 -1.78
CA SER B 510 24.94 0.83 -3.14
C SER B 510 26.19 1.71 -3.18
N TYR B 511 26.63 2.28 -2.06
CA TYR B 511 27.81 3.13 -2.01
C TYR B 511 29.06 2.42 -1.50
N VAL B 512 28.93 1.24 -0.89
CA VAL B 512 30.03 0.67 -0.13
C VAL B 512 31.18 0.29 -1.06
N ASP B 513 30.88 -0.51 -2.09
CA ASP B 513 31.95 -0.93 -2.99
C ASP B 513 32.61 0.25 -3.69
N LEU B 514 31.80 1.22 -4.13
CA LEU B 514 32.34 2.40 -4.80
C LEU B 514 33.28 3.17 -3.90
N PHE B 515 32.85 3.46 -2.66
CA PHE B 515 33.67 4.25 -1.76
C PHE B 515 34.93 3.48 -1.35
N GLN B 516 34.79 2.18 -1.08
CA GLN B 516 35.95 1.37 -0.72
C GLN B 516 36.94 1.25 -1.87
N SER B 517 36.44 1.14 -3.10
N SER B 517 36.43 1.14 -3.11
CA SER B 517 37.33 1.12 -4.25
CA SER B 517 37.31 1.13 -4.26
C SER B 517 38.07 2.43 -4.41
C SER B 517 38.07 2.44 -4.43
N HIS B 518 37.56 3.52 -3.83
CA HIS B 518 38.21 4.82 -3.84
C HIS B 518 38.83 5.15 -2.48
N GLY B 519 39.10 4.14 -1.66
CA GLY B 519 39.94 4.30 -0.48
C GLY B 519 39.27 4.78 0.79
N GLY B 520 37.96 4.65 0.93
CA GLY B 520 37.27 5.07 2.14
C GLY B 520 36.12 4.16 2.48
N SER B 521 35.48 4.46 3.61
CA SER B 521 34.36 3.67 4.11
C SER B 521 34.73 2.20 4.33
N TYR B 522 35.99 1.95 4.70
CA TYR B 522 36.41 0.58 5.00
C TYR B 522 35.69 0.04 6.23
N ILE B 523 35.33 0.90 7.18
CA ILE B 523 34.60 0.49 8.38
C ILE B 523 33.34 1.33 8.47
N THR B 524 32.19 0.67 8.48
CA THR B 524 30.92 1.34 8.67
C THR B 524 30.25 0.81 9.93
N LEU B 525 29.43 1.65 10.53
CA LEU B 525 28.76 1.37 11.80
C LEU B 525 27.31 1.80 11.68
N ALA B 526 26.39 0.85 11.81
CA ALA B 526 24.97 1.15 11.67
C ALA B 526 24.18 0.00 12.28
N LYS B 527 22.93 -0.17 11.83
CA LYS B 527 22.11 -1.28 12.31
C LYS B 527 21.40 -1.94 11.14
N GLY B 528 21.13 -3.23 11.29
CA GLY B 528 20.39 -3.99 10.30
C GLY B 528 21.28 -4.87 9.45
N ASN B 529 20.68 -5.92 8.89
CA ASN B 529 21.39 -6.76 7.93
C ASN B 529 21.56 -6.03 6.61
N ARG B 530 22.59 -6.43 5.86
CA ARG B 530 22.93 -5.79 4.60
C ARG B 530 22.94 -6.81 3.48
N SER B 531 22.97 -6.31 2.24
CA SER B 531 22.90 -7.17 1.08
C SER B 531 24.25 -7.81 0.78
N LYS B 532 24.24 -8.80 -0.11
CA LYS B 532 25.44 -9.56 -0.42
C LYS B 532 26.53 -8.70 -1.05
N GLN B 533 26.13 -7.65 -1.78
CA GLN B 533 27.12 -6.77 -2.40
C GLN B 533 28.04 -6.13 -1.37
N VAL B 534 27.54 -5.92 -0.14
CA VAL B 534 28.38 -5.35 0.91
C VAL B 534 29.33 -6.40 1.47
N THR B 535 28.86 -7.64 1.62
CA THR B 535 29.75 -8.72 2.01
C THR B 535 30.86 -8.90 0.98
N ASP B 536 30.52 -8.86 -0.31
CA ASP B 536 31.52 -9.03 -1.36
C ASP B 536 32.52 -7.88 -1.34
N ALA B 537 32.04 -6.66 -1.10
CA ALA B 537 32.91 -5.49 -1.07
C ALA B 537 33.91 -5.57 0.08
N CYS B 538 33.43 -5.89 1.29
CA CYS B 538 34.32 -5.95 2.45
C CYS B 538 35.38 -7.02 2.28
N LYS B 539 35.03 -8.14 1.65
CA LYS B 539 36.02 -9.18 1.39
C LYS B 539 37.03 -8.72 0.34
N LYS B 540 36.54 -8.03 -0.71
CA LYS B 540 37.41 -7.58 -1.78
C LYS B 540 38.37 -6.50 -1.30
N HIS B 541 37.90 -5.58 -0.46
CA HIS B 541 38.66 -4.39 -0.10
C HIS B 541 39.20 -4.42 1.31
N GLY B 542 38.96 -5.49 2.08
CA GLY B 542 39.39 -5.52 3.46
C GLY B 542 38.62 -4.57 4.36
N GLY B 543 37.29 -4.64 4.30
CA GLY B 543 36.42 -3.79 5.07
C GLY B 543 35.62 -4.55 6.11
N PHE B 544 34.86 -3.79 6.90
CA PHE B 544 34.07 -4.33 8.00
C PHE B 544 32.79 -3.54 8.14
N TYR B 545 31.72 -4.23 8.53
CA TYR B 545 30.47 -3.59 8.91
C TYR B 545 30.18 -3.95 10.36
N LEU B 546 30.05 -2.93 11.20
CA LEU B 546 29.77 -3.11 12.62
C LEU B 546 28.30 -2.78 12.88
N GLY B 547 27.60 -3.70 13.54
CA GLY B 547 26.21 -3.48 13.87
C GLY B 547 26.03 -2.94 15.27
N SER B 548 25.66 -1.67 15.37
CA SER B 548 25.20 -1.12 16.64
C SER B 548 23.88 -1.76 17.02
N ILE B 549 23.58 -1.78 18.33
CA ILE B 549 22.23 -2.10 18.74
C ILE B 549 21.30 -1.03 18.17
N GLY B 550 20.16 -1.46 17.64
CA GLY B 550 19.20 -0.54 17.05
C GLY B 550 18.14 -0.15 18.06
N GLY B 551 17.92 1.15 18.21
CA GLY B 551 16.93 1.63 19.15
C GLY B 551 17.41 2.50 20.31
N PRO B 552 18.60 2.19 20.93
CA PRO B 552 18.91 2.83 22.23
C PRO B 552 19.56 4.20 22.09
N ALA B 553 18.88 5.11 21.39
CA ALA B 553 19.46 6.40 21.03
C ALA B 553 19.74 7.29 22.24
N ALA B 554 18.93 7.19 23.29
CA ALA B 554 19.07 8.08 24.44
C ALA B 554 20.20 7.65 25.36
N ILE B 555 20.35 6.34 25.60
CA ILE B 555 21.45 5.88 26.44
C ILE B 555 22.78 6.02 25.72
N LEU B 556 22.80 5.86 24.39
CA LEU B 556 24.02 6.15 23.64
C LEU B 556 24.42 7.60 23.80
N ALA B 557 23.46 8.52 23.67
CA ALA B 557 23.74 9.93 23.83
C ALA B 557 24.20 10.24 25.25
N LYS B 558 23.52 9.66 26.24
CA LYS B 558 23.85 9.96 27.63
C LYS B 558 25.22 9.42 28.01
N ASP B 559 25.55 8.19 27.59
CA ASP B 559 26.72 7.51 28.12
C ASP B 559 27.90 7.48 27.16
N SER B 560 27.67 7.53 25.84
CA SER B 560 28.73 7.26 24.88
C SER B 560 29.21 8.46 24.08
N ILE B 561 28.28 9.32 23.63
N ILE B 561 28.31 9.35 23.65
CA ILE B 561 28.65 10.48 22.82
CA ILE B 561 28.70 10.45 22.77
C ILE B 561 29.17 11.57 23.74
C ILE B 561 29.12 11.65 23.62
N LYS B 562 30.37 12.07 23.45
CA LYS B 562 30.98 13.11 24.28
C LYS B 562 31.15 14.46 23.58
N GLN B 563 31.19 14.49 22.25
CA GLN B 563 31.39 15.71 21.50
C GLN B 563 30.74 15.54 20.14
N VAL B 564 30.08 16.60 19.65
CA VAL B 564 29.39 16.59 18.36
C VAL B 564 29.74 17.87 17.64
N THR B 565 30.18 17.74 16.39
CA THR B 565 30.47 18.90 15.55
C THR B 565 29.90 18.66 14.16
N CYS B 566 29.34 19.72 13.57
CA CYS B 566 28.90 19.63 12.19
C CYS B 566 30.12 19.79 11.28
N LEU B 567 30.33 18.82 10.39
CA LEU B 567 31.50 18.82 9.53
C LEU B 567 31.23 19.34 8.12
N ALA B 568 30.12 18.94 7.51
CA ALA B 568 29.84 19.36 6.14
C ALA B 568 28.34 19.32 5.91
N PHE B 569 27.92 20.01 4.84
CA PHE B 569 26.52 20.10 4.45
C PHE B 569 25.58 20.50 5.59
N PRO B 570 25.86 21.61 6.29
CA PRO B 570 24.98 21.98 7.42
C PRO B 570 23.54 22.22 7.00
N GLU B 571 23.31 22.60 5.74
CA GLU B 571 21.96 22.84 5.26
C GLU B 571 21.09 21.58 5.28
N LEU B 572 21.68 20.40 5.46
CA LEU B 572 20.92 19.15 5.50
C LEU B 572 20.31 18.86 6.87
N GLY B 573 20.54 19.72 7.85
CA GLY B 573 19.96 19.49 9.18
C GLY B 573 20.57 18.27 9.82
N MET B 574 19.71 17.34 10.25
CA MET B 574 20.19 16.10 10.87
C MET B 574 20.98 15.23 9.88
N GLU B 575 20.78 15.41 8.58
CA GLU B 575 21.50 14.63 7.56
C GLU B 575 22.84 15.24 7.19
N ALA B 576 23.30 16.27 7.90
CA ALA B 576 24.64 16.79 7.66
C ALA B 576 25.69 15.74 8.02
N VAL B 577 26.90 15.95 7.54
CA VAL B 577 28.03 15.14 7.97
C VAL B 577 28.50 15.64 9.33
N TRP B 578 28.61 14.73 10.30
CA TRP B 578 29.03 15.08 11.65
C TRP B 578 30.34 14.37 11.99
N LYS B 579 31.07 14.98 12.92
CA LYS B 579 32.24 14.38 13.54
C LYS B 579 31.94 14.29 15.04
N ILE B 580 31.97 13.08 15.57
CA ILE B 580 31.65 12.87 16.98
C ILE B 580 32.77 12.08 17.63
N GLU B 581 32.93 12.30 18.93
CA GLU B 581 33.87 11.56 19.76
C GLU B 581 33.07 10.69 20.71
N VAL B 582 33.38 9.40 20.74
CA VAL B 582 32.58 8.44 21.50
C VAL B 582 33.48 7.64 22.43
N GLU B 583 32.84 7.09 23.47
CA GLU B 583 33.48 6.20 24.43
C GLU B 583 32.51 5.07 24.72
N ASP B 584 33.05 3.86 24.83
CA ASP B 584 32.27 2.69 25.23
C ASP B 584 31.05 2.47 24.34
N PHE B 585 31.24 2.65 23.03
CA PHE B 585 30.14 2.48 22.07
C PHE B 585 30.05 1.02 21.67
N PRO B 586 28.99 0.30 22.03
CA PRO B 586 28.94 -1.14 21.76
C PRO B 586 28.51 -1.44 20.33
N ALA B 587 29.04 -2.55 19.79
CA ALA B 587 28.62 -3.03 18.49
C ALA B 587 29.05 -4.48 18.33
N PHE B 588 28.50 -5.12 17.30
CA PHE B 588 28.88 -6.46 16.88
C PHE B 588 29.54 -6.39 15.51
N ILE B 589 30.52 -7.26 15.27
CA ILE B 589 31.07 -7.42 13.94
C ILE B 589 30.08 -8.25 13.12
N VAL B 590 29.42 -7.62 12.16
CA VAL B 590 28.40 -8.30 11.36
C VAL B 590 28.98 -8.84 10.06
N VAL B 591 29.74 -8.01 9.34
CA VAL B 591 30.46 -8.43 8.16
C VAL B 591 31.94 -8.23 8.42
N ASP B 592 32.75 -9.23 8.11
CA ASP B 592 34.19 -9.13 8.28
C ASP B 592 34.85 -8.92 6.92
N ASP B 593 36.18 -9.03 6.89
CA ASP B 593 36.94 -8.84 5.67
C ASP B 593 37.22 -10.16 4.96
N LYS B 594 36.43 -11.20 5.25
CA LYS B 594 36.71 -12.54 4.76
C LYS B 594 35.51 -13.21 4.09
N GLY B 595 34.44 -12.46 3.85
CA GLY B 595 33.26 -13.03 3.22
C GLY B 595 32.20 -13.53 4.17
N ASN B 596 32.35 -13.31 5.47
CA ASN B 596 31.43 -13.83 6.47
C ASN B 596 30.42 -12.78 6.89
N ASP B 597 29.21 -13.23 7.21
CA ASP B 597 28.09 -12.36 7.54
C ASP B 597 27.34 -13.01 8.69
N MET B 598 27.23 -12.28 9.80
CA MET B 598 26.55 -12.76 10.99
C MET B 598 25.11 -13.22 10.72
N TYR B 599 24.49 -12.70 9.65
CA TYR B 599 23.11 -12.99 9.33
C TYR B 599 22.96 -14.02 8.23
N SER B 600 24.06 -14.62 7.77
CA SER B 600 24.00 -15.48 6.60
C SER B 600 23.19 -16.75 6.84
N LYS B 601 23.07 -17.20 8.10
CA LYS B 601 22.30 -18.41 8.38
C LYS B 601 20.83 -18.09 8.64
N THR B 602 20.54 -17.07 9.45
CA THR B 602 19.16 -16.79 9.82
C THR B 602 18.40 -16.04 8.74
N LEU B 603 19.08 -15.25 7.91
CA LEU B 603 18.41 -14.45 6.89
C LEU B 603 18.71 -14.93 5.48
N ALA B 604 19.15 -16.18 5.33
CA ALA B 604 19.41 -16.76 4.01
C ALA B 604 18.14 -16.84 3.18
#